data_6BT5
#
_entry.id   6BT5
#
_cell.length_a   113.650
_cell.length_b   166.008
_cell.length_c   196.038
_cell.angle_alpha   90.000
_cell.angle_beta   90.000
_cell.angle_gamma   90.000
#
_symmetry.space_group_name_H-M   'I 2 2 2'
#
loop_
_entity.id
_entity.type
_entity.pdbx_description
1 polymer 'Metabotropic glutamate receptor 8'
2 non-polymer '(2S)-2-amino-4-phosphonobutanoic acid'
3 non-polymer 2-acetamido-2-deoxy-beta-D-glucopyranose
4 water water
#
_entity_poly.entity_id   1
_entity_poly.type   'polypeptide(L)'
_entity_poly.pdbx_seq_one_letter_code
;AHSIRVDGDIILGGLFPVHAKGERGVPCGELKKEKGIHRLEAMLYAIDQINKDPDLLSNITLGVRILDTCSRDTYALEQS
LTFVQALIEKDASDVKCANGDPPIFTKPDKISGVIGAAASSVSIMVANILRLFKIPQISYASTAPELSDNTRYDFFSRVV
PPDSYQAQAMVDIVTALGWNYVSTLASEGNYGESGVEAFTQISREIGGVSIAQSQKIPREPRPGEFEKIIKRLLETPNAR
AVIMFANEDDIRRILEAAKKLNQSGHFLWIGSDSWGSKIAPVYQQEEIAEGAVTILPKRASIDGFDRYFRSRTLANNRRN
VWFAEFWEENFGCKLGSHGKRNSHIKKCTGLERIARDSSYEQEGKVQFVIDAVYSMAYALHNMHKDLCPGYIGLCPRMST
IDGKELLGYIRAVNFNGSAGTPVTFNENGDAPGRYDIFQYQITNKSTEYKVIGHWTNQLHLKVEDMQWAHREHTHPASE
;
_entity_poly.pdbx_strand_id   A,B
#
loop_
_chem_comp.id
_chem_comp.type
_chem_comp.name
_chem_comp.formula
E7P non-polymer '(2S)-2-amino-4-phosphonobutanoic acid' 'C4 H10 N O5 P'
NAG D-saccharide, beta linking 2-acetamido-2-deoxy-beta-D-glucopyranose 'C8 H15 N O6'
#
# COMPACT_ATOMS: atom_id res chain seq x y z
N ALA A 1 31.07 7.00 1.13
CA ALA A 1 29.62 7.07 1.44
C ALA A 1 28.78 7.32 0.18
N HIS A 2 27.61 6.69 0.13
CA HIS A 2 26.70 6.83 -1.00
C HIS A 2 25.59 7.85 -0.69
N SER A 3 26.01 9.06 -0.31
CA SER A 3 25.08 10.14 0.02
C SER A 3 25.74 11.52 -0.13
N ILE A 4 24.91 12.53 -0.38
CA ILE A 4 25.38 13.93 -0.43
C ILE A 4 25.07 14.61 0.89
N ARG A 5 26.12 15.00 1.61
CA ARG A 5 25.98 15.61 2.93
C ARG A 5 26.74 16.94 3.03
N VAL A 6 25.99 18.03 3.07
CA VAL A 6 26.55 19.37 3.24
C VAL A 6 25.96 20.02 4.50
N ASP A 7 26.83 20.46 5.40
CA ASP A 7 26.41 21.05 6.68
C ASP A 7 25.91 22.48 6.51
N GLY A 8 24.92 22.84 7.34
CA GLY A 8 24.37 24.19 7.37
C GLY A 8 23.68 24.49 8.68
N ASP A 9 23.00 25.63 8.74
CA ASP A 9 22.24 26.02 9.93
C ASP A 9 20.97 25.18 10.07
N ILE A 10 20.24 25.05 8.96
CA ILE A 10 19.03 24.24 8.91
C ILE A 10 19.16 23.21 7.79
N ILE A 11 19.26 21.94 8.16
CA ILE A 11 19.49 20.86 7.21
C ILE A 11 18.18 20.34 6.60
N LEU A 12 18.16 20.25 5.27
CA LEU A 12 17.01 19.75 4.53
C LEU A 12 17.28 18.37 3.92
N GLY A 13 16.35 17.45 4.12
CA GLY A 13 16.44 16.12 3.54
C GLY A 13 16.06 16.08 2.08
N GLY A 14 16.60 15.11 1.35
CA GLY A 14 16.33 14.97 -0.09
C GLY A 14 16.23 13.52 -0.52
N LEU A 15 15.18 13.21 -1.27
CA LEU A 15 14.96 11.86 -1.80
C LEU A 15 14.82 11.90 -3.32
N PHE A 16 15.77 11.25 -4.00
CA PHE A 16 15.81 11.26 -5.46
C PHE A 16 16.11 9.88 -6.04
N PRO A 17 15.46 9.53 -7.17
CA PRO A 17 15.72 8.25 -7.84
C PRO A 17 16.95 8.33 -8.76
N VAL A 18 18.13 8.33 -8.15
CA VAL A 18 19.39 8.43 -8.88
C VAL A 18 19.60 7.20 -9.77
N HIS A 19 19.31 6.03 -9.22
CA HIS A 19 19.36 4.77 -9.97
C HIS A 19 17.95 4.21 -10.15
N ALA A 20 17.72 3.57 -11.29
CA ALA A 20 16.48 2.83 -11.52
C ALA A 20 16.54 1.49 -10.82
N LYS A 21 15.37 0.91 -10.54
CA LYS A 21 15.29 -0.39 -9.86
C LYS A 21 15.91 -1.50 -10.71
N GLY A 22 16.70 -2.35 -10.05
CA GLY A 22 17.38 -3.47 -10.72
C GLY A 22 16.42 -4.56 -11.15
N GLU A 23 16.83 -5.33 -12.15
CA GLU A 23 15.99 -6.41 -12.69
C GLU A 23 15.95 -7.62 -11.76
N ARG A 24 14.73 -7.93 -11.28
CA ARG A 24 14.44 -9.08 -10.42
C ARG A 24 15.26 -9.15 -9.13
N GLY A 25 14.69 -8.64 -8.05
CA GLY A 25 15.30 -8.74 -6.72
C GLY A 25 16.31 -7.65 -6.39
N VAL A 26 17.25 -7.42 -7.31
CA VAL A 26 18.32 -6.44 -7.14
C VAL A 26 17.75 -5.04 -6.84
N PRO A 27 18.17 -4.43 -5.72
CA PRO A 27 17.65 -3.11 -5.30
C PRO A 27 17.97 -1.97 -6.26
N CYS A 28 19.23 -1.86 -6.68
CA CYS A 28 19.66 -0.75 -7.54
C CYS A 28 20.26 -1.24 -8.86
N GLY A 29 19.88 -0.56 -9.94
CA GLY A 29 20.34 -0.93 -11.29
C GLY A 29 20.96 0.24 -12.05
N GLU A 30 20.48 0.47 -13.26
CA GLU A 30 21.02 1.50 -14.15
C GLU A 30 20.73 2.91 -13.66
N LEU A 31 21.63 3.83 -13.96
CA LEU A 31 21.51 5.23 -13.52
C LEU A 31 20.47 5.99 -14.34
N LYS A 32 19.68 6.82 -13.66
CA LYS A 32 18.71 7.69 -14.31
C LYS A 32 19.31 9.08 -14.52
N LYS A 33 19.56 9.42 -15.78
CA LYS A 33 20.20 10.70 -16.13
C LYS A 33 19.27 11.89 -15.91
N GLU A 34 18.08 11.84 -16.50
CA GLU A 34 17.13 12.94 -16.46
C GLU A 34 16.30 12.93 -15.17
N LYS A 35 15.71 11.78 -14.86
CA LYS A 35 14.84 11.63 -13.69
C LYS A 35 15.62 11.73 -12.38
N GLY A 36 16.90 11.33 -12.40
CA GLY A 36 17.73 11.31 -11.21
C GLY A 36 18.64 12.52 -11.04
N ILE A 37 19.64 12.61 -11.91
CA ILE A 37 20.70 13.63 -11.80
C ILE A 37 20.18 15.06 -12.01
N HIS A 38 19.39 15.27 -13.06
CA HIS A 38 18.82 16.58 -13.37
C HIS A 38 18.04 17.17 -12.19
N ARG A 39 17.22 16.32 -11.57
CA ARG A 39 16.38 16.73 -10.43
C ARG A 39 17.20 16.89 -9.15
N LEU A 40 18.15 15.98 -8.93
CA LEU A 40 19.04 16.03 -7.78
C LEU A 40 19.87 17.32 -7.77
N GLU A 41 20.44 17.66 -8.93
CA GLU A 41 21.27 18.85 -9.07
C GLU A 41 20.44 20.13 -9.03
N ALA A 42 19.15 20.01 -9.33
CA ALA A 42 18.21 21.14 -9.26
C ALA A 42 17.96 21.58 -7.82
N MET A 43 18.00 20.64 -6.89
CA MET A 43 17.89 20.94 -5.46
C MET A 43 19.16 21.64 -4.98
N LEU A 44 20.31 21.13 -5.41
CA LEU A 44 21.61 21.74 -5.09
C LEU A 44 21.73 23.14 -5.70
N TYR A 45 21.15 23.32 -6.88
CA TYR A 45 21.09 24.62 -7.54
C TYR A 45 20.26 25.61 -6.72
N ALA A 46 19.07 25.16 -6.30
CA ALA A 46 18.15 26.00 -5.53
C ALA A 46 18.76 26.45 -4.21
N ILE A 47 19.36 25.50 -3.49
CA ILE A 47 20.01 25.79 -2.20
C ILE A 47 21.18 26.77 -2.35
N ASP A 48 21.95 26.62 -3.42
CA ASP A 48 23.04 27.54 -3.73
C ASP A 48 22.56 28.96 -3.99
N GLN A 49 21.40 29.09 -4.64
CA GLN A 49 20.80 30.39 -4.95
C GLN A 49 20.18 31.05 -3.72
N ILE A 50 19.65 30.23 -2.81
CA ILE A 50 19.05 30.71 -1.57
C ILE A 50 20.14 31.22 -0.60
N ASN A 51 21.21 30.44 -0.46
CA ASN A 51 22.35 30.82 0.38
C ASN A 51 23.08 32.07 -0.13
N LYS A 52 23.05 32.27 -1.44
CA LYS A 52 23.62 33.45 -2.09
C LYS A 52 22.73 34.67 -1.88
N ASP A 53 21.42 34.45 -1.86
CA ASP A 53 20.42 35.51 -1.75
C ASP A 53 20.49 36.25 -0.42
N PRO A 54 20.73 37.58 -0.46
CA PRO A 54 20.81 38.40 0.75
C PRO A 54 19.46 38.69 1.40
N ASP A 55 18.39 38.60 0.62
CA ASP A 55 17.03 38.87 1.11
C ASP A 55 16.39 37.64 1.75
N LEU A 56 16.38 36.53 1.01
CA LEU A 56 15.80 35.27 1.49
C LEU A 56 16.75 34.57 2.45
N LEU A 57 16.33 34.44 3.70
CA LEU A 57 17.12 33.85 4.79
C LEU A 57 18.50 34.50 4.94
N SER A 58 18.51 35.74 5.39
CA SER A 58 19.74 36.52 5.54
C SER A 58 20.66 35.95 6.61
N ASN A 59 21.93 35.75 6.25
CA ASN A 59 22.97 35.23 7.14
C ASN A 59 22.68 33.80 7.65
N ILE A 60 21.82 33.09 6.92
CA ILE A 60 21.43 31.72 7.25
C ILE A 60 21.72 30.81 6.06
N THR A 61 22.34 29.66 6.34
CA THR A 61 22.69 28.69 5.29
C THR A 61 21.89 27.40 5.46
N LEU A 62 21.34 26.91 4.35
CA LEU A 62 20.59 25.65 4.34
C LEU A 62 21.52 24.46 4.14
N GLY A 63 21.30 23.41 4.93
CA GLY A 63 22.07 22.18 4.85
C GLY A 63 21.49 21.20 3.84
N VAL A 64 22.26 20.16 3.52
CA VAL A 64 21.88 19.19 2.50
C VAL A 64 22.05 17.75 3.01
N ARG A 65 21.01 16.93 2.79
CA ARG A 65 21.06 15.50 3.07
C ARG A 65 20.28 14.75 1.98
N ILE A 66 20.93 14.55 0.84
CA ILE A 66 20.31 13.89 -0.31
C ILE A 66 20.65 12.40 -0.35
N LEU A 67 19.61 11.57 -0.39
CA LEU A 67 19.76 10.12 -0.42
C LEU A 67 19.11 9.49 -1.64
N ASP A 68 19.69 8.39 -2.10
CA ASP A 68 19.17 7.65 -3.25
C ASP A 68 18.05 6.71 -2.82
N THR A 69 16.99 6.66 -3.62
CA THR A 69 15.83 5.81 -3.34
C THR A 69 15.88 4.51 -4.16
N CYS A 70 16.66 4.53 -5.23
CA CYS A 70 16.79 3.40 -6.17
C CYS A 70 15.44 2.95 -6.77
N SER A 71 14.55 3.92 -6.98
CA SER A 71 13.21 3.69 -7.56
C SER A 71 12.37 2.67 -6.78
N ARG A 72 12.73 2.44 -5.52
CA ARG A 72 12.03 1.48 -4.66
C ARG A 72 11.58 2.12 -3.35
N ASP A 73 10.35 1.83 -2.95
CA ASP A 73 9.80 2.33 -1.70
C ASP A 73 10.37 1.58 -0.49
N THR A 74 10.74 0.32 -0.69
CA THR A 74 11.35 -0.50 0.34
C THR A 74 12.77 -0.04 0.66
N TYR A 75 13.52 0.31 -0.38
CA TYR A 75 14.89 0.80 -0.25
C TYR A 75 14.91 2.20 0.36
N ALA A 76 13.91 3.01 0.04
CA ALA A 76 13.80 4.38 0.52
C ALA A 76 13.36 4.46 1.99
N LEU A 77 12.72 3.39 2.47
CA LEU A 77 12.25 3.33 3.86
C LEU A 77 13.41 3.26 4.85
N GLU A 78 14.41 2.43 4.55
CA GLU A 78 15.59 2.30 5.41
C GLU A 78 16.52 3.51 5.30
N GLN A 79 16.47 4.19 4.15
CA GLN A 79 17.22 5.42 3.93
C GLN A 79 16.58 6.57 4.72
N SER A 80 15.26 6.57 4.82
CA SER A 80 14.52 7.60 5.56
C SER A 80 14.66 7.46 7.07
N LEU A 81 15.18 6.32 7.52
CA LEU A 81 15.44 6.07 8.95
C LEU A 81 16.60 6.91 9.46
N THR A 82 17.50 7.31 8.56
CA THR A 82 18.63 8.16 8.92
C THR A 82 18.21 9.61 9.18
N PHE A 83 17.06 10.00 8.63
CA PHE A 83 16.48 11.32 8.88
C PHE A 83 15.98 11.47 10.32
N VAL A 84 15.64 10.34 10.93
CA VAL A 84 15.07 10.34 12.29
C VAL A 84 16.00 9.68 13.32
N GLN A 85 16.70 10.51 14.08
CA GLN A 85 17.64 10.03 15.11
C GLN A 85 17.48 10.80 16.42
N LYS A 110 20.43 17.15 12.52
CA LYS A 110 18.99 17.06 12.70
C LYS A 110 18.26 17.60 11.46
N ILE A 111 17.28 16.84 10.98
CA ILE A 111 16.55 17.18 9.76
C ILE A 111 15.25 17.91 10.10
N SER A 112 15.07 19.08 9.47
CA SER A 112 13.90 19.92 9.71
C SER A 112 12.78 19.70 8.69
N GLY A 113 13.16 19.42 7.44
CA GLY A 113 12.22 19.17 6.36
C GLY A 113 12.78 18.26 5.31
N VAL A 114 11.89 17.60 4.56
CA VAL A 114 12.29 16.65 3.52
C VAL A 114 11.71 17.02 2.16
N ILE A 115 12.59 17.09 1.15
CA ILE A 115 12.19 17.33 -0.23
C ILE A 115 12.13 15.99 -0.97
N GLY A 116 10.94 15.63 -1.44
CA GLY A 116 10.71 14.37 -2.14
C GLY A 116 9.48 13.63 -1.67
N ALA A 117 9.25 12.43 -2.20
CA ALA A 117 10.10 11.82 -3.21
C ALA A 117 9.50 11.97 -4.61
N ALA A 118 9.96 11.13 -5.54
CA ALA A 118 9.47 11.17 -6.93
C ALA A 118 8.20 10.34 -7.11
N ALA A 119 8.33 9.02 -6.98
CA ALA A 119 7.21 8.10 -7.13
C ALA A 119 6.28 8.17 -5.93
N SER A 120 4.99 7.96 -6.17
CA SER A 120 3.96 8.07 -5.13
C SER A 120 4.08 7.02 -4.03
N SER A 121 4.35 5.78 -4.42
CA SER A 121 4.53 4.68 -3.48
C SER A 121 5.73 4.92 -2.57
N VAL A 122 6.76 5.56 -3.12
CA VAL A 122 7.96 5.92 -2.36
C VAL A 122 7.65 7.03 -1.36
N SER A 123 6.94 8.06 -1.81
CA SER A 123 6.53 9.17 -0.94
C SER A 123 5.59 8.73 0.17
N ILE A 124 4.68 7.82 -0.14
CA ILE A 124 3.71 7.29 0.82
C ILE A 124 4.39 6.54 1.97
N MET A 125 5.35 5.67 1.63
CA MET A 125 6.07 4.87 2.62
C MET A 125 6.93 5.72 3.55
N VAL A 126 7.51 6.79 3.00
CA VAL A 126 8.32 7.73 3.78
C VAL A 126 7.42 8.63 4.66
N ALA A 127 6.28 9.04 4.10
CA ALA A 127 5.32 9.90 4.81
C ALA A 127 4.69 9.20 6.02
N ASN A 128 4.58 7.88 5.95
CA ASN A 128 4.05 7.08 7.05
C ASN A 128 4.92 7.13 8.29
N ILE A 129 6.24 7.28 8.10
CA ILE A 129 7.19 7.30 9.20
C ILE A 129 7.63 8.71 9.58
N LEU A 130 7.48 9.66 8.66
CA LEU A 130 7.82 11.07 8.93
C LEU A 130 6.78 11.76 9.81
N ARG A 131 5.52 11.35 9.68
CA ARG A 131 4.42 11.93 10.46
C ARG A 131 4.51 11.59 11.95
N LEU A 132 5.11 10.44 12.26
CA LEU A 132 5.28 9.98 13.64
C LEU A 132 6.36 10.79 14.35
N PHE A 133 7.35 11.24 13.58
CA PHE A 133 8.43 12.08 14.12
C PHE A 133 8.22 13.55 13.75
N LYS A 134 7.07 13.83 13.13
CA LYS A 134 6.62 15.20 12.82
C LYS A 134 7.61 16.02 11.99
N ILE A 135 7.99 15.48 10.82
CA ILE A 135 8.86 16.18 9.88
C ILE A 135 8.09 16.50 8.59
N PRO A 136 7.93 17.80 8.28
CA PRO A 136 7.24 18.26 7.06
C PRO A 136 7.88 17.75 5.78
N GLN A 137 7.05 17.49 4.77
CA GLN A 137 7.50 16.90 3.52
C GLN A 137 6.87 17.62 2.33
N ILE A 138 7.71 17.98 1.36
CA ILE A 138 7.23 18.59 0.12
C ILE A 138 7.75 17.78 -1.08
N SER A 139 6.81 17.22 -1.84
CA SER A 139 7.16 16.40 -3.00
C SER A 139 7.15 17.20 -4.30
N TYR A 140 7.94 16.74 -5.26
CA TYR A 140 8.09 17.42 -6.55
C TYR A 140 7.45 16.68 -7.72
N ALA A 141 7.11 15.41 -7.51
CA ALA A 141 6.60 14.56 -8.60
C ALA A 141 5.40 13.69 -8.25
N SER A 142 5.25 13.33 -6.98
CA SER A 142 4.20 12.41 -6.52
C SER A 142 2.80 12.99 -6.67
N THR A 143 1.95 12.28 -7.40
CA THR A 143 0.62 12.80 -7.78
C THR A 143 -0.57 11.93 -7.37
N ALA A 144 -0.32 10.87 -6.61
CA ALA A 144 -1.40 9.97 -6.17
C ALA A 144 -2.43 10.68 -5.30
N PRO A 145 -3.74 10.47 -5.59
CA PRO A 145 -4.84 11.12 -4.87
C PRO A 145 -4.88 10.81 -3.36
N GLU A 146 -4.29 9.68 -2.97
CA GLU A 146 -4.28 9.24 -1.57
C GLU A 146 -3.50 10.20 -0.67
N LEU A 147 -2.48 10.86 -1.24
CA LEU A 147 -1.62 11.77 -0.50
C LEU A 147 -2.31 13.06 -0.08
N SER A 148 -3.49 13.31 -0.62
CA SER A 148 -4.30 14.48 -0.25
C SER A 148 -4.97 14.31 1.12
N ASP A 149 -4.96 13.09 1.64
CA ASP A 149 -5.55 12.76 2.94
C ASP A 149 -4.87 13.54 4.06
N ASN A 150 -5.66 14.33 4.79
CA ASN A 150 -5.16 15.18 5.88
C ASN A 150 -5.05 14.46 7.22
N THR A 151 -5.53 13.22 7.26
CA THR A 151 -5.46 12.40 8.47
C THR A 151 -4.28 11.44 8.41
N ARG A 152 -4.15 10.72 7.29
CA ARG A 152 -3.09 9.73 7.12
C ARG A 152 -1.75 10.35 6.73
N TYR A 153 -1.80 11.46 6.01
CA TYR A 153 -0.59 12.17 5.57
C TYR A 153 -0.68 13.64 5.94
N ASP A 154 -0.71 13.89 7.25
CA ASP A 154 -0.93 15.23 7.81
C ASP A 154 0.29 16.16 7.66
N PHE A 155 1.47 15.58 7.45
CA PHE A 155 2.69 16.36 7.28
C PHE A 155 3.19 16.38 5.83
N PHE A 156 2.37 15.87 4.91
CA PHE A 156 2.72 15.83 3.50
C PHE A 156 2.16 17.00 2.72
N SER A 157 2.97 17.54 1.81
CA SER A 157 2.56 18.59 0.89
C SER A 157 3.22 18.34 -0.47
N ARG A 158 2.71 18.99 -1.51
CA ARG A 158 3.26 18.84 -2.86
C ARG A 158 3.01 20.04 -3.77
N VAL A 159 4.00 20.35 -4.61
CA VAL A 159 3.91 21.43 -5.58
C VAL A 159 3.33 20.95 -6.92
N VAL A 160 2.88 19.71 -6.94
CA VAL A 160 2.21 19.13 -8.11
C VAL A 160 0.77 18.70 -7.75
N PRO A 161 -0.18 18.87 -8.69
CA PRO A 161 -1.58 18.53 -8.44
C PRO A 161 -1.83 17.03 -8.32
N PRO A 162 -2.87 16.63 -7.56
CA PRO A 162 -3.26 15.21 -7.47
C PRO A 162 -3.83 14.66 -8.78
N ASP A 163 -3.83 13.33 -8.92
CA ASP A 163 -4.29 12.67 -10.15
C ASP A 163 -5.80 12.77 -10.38
N SER A 164 -6.52 13.32 -9.40
CA SER A 164 -7.95 13.58 -9.54
C SER A 164 -8.24 14.50 -10.73
N TYR A 165 -7.35 15.46 -10.93
CA TYR A 165 -7.48 16.43 -12.03
C TYR A 165 -6.89 15.89 -13.33
N GLN A 166 -5.80 15.13 -13.23
CA GLN A 166 -5.15 14.54 -14.41
C GLN A 166 -6.04 13.48 -15.07
N ALA A 167 -6.72 12.68 -14.25
CA ALA A 167 -7.67 11.68 -14.75
C ALA A 167 -8.83 12.35 -15.47
N GLN A 168 -9.33 13.44 -14.89
CA GLN A 168 -10.41 14.24 -15.48
C GLN A 168 -9.97 14.88 -16.80
N ALA A 169 -8.71 15.31 -16.84
CA ALA A 169 -8.11 15.87 -18.05
C ALA A 169 -8.04 14.83 -19.16
N MET A 170 -7.69 13.60 -18.79
CA MET A 170 -7.57 12.50 -19.75
C MET A 170 -8.93 12.00 -20.23
N VAL A 171 -9.96 12.14 -19.39
CA VAL A 171 -11.33 11.84 -19.78
C VAL A 171 -11.81 12.84 -20.83
N ASP A 172 -11.50 14.11 -20.61
CA ASP A 172 -11.87 15.18 -21.53
C ASP A 172 -11.20 15.05 -22.90
N ILE A 173 -9.92 14.68 -22.90
CA ILE A 173 -9.15 14.46 -24.13
C ILE A 173 -9.71 13.29 -24.93
N VAL A 174 -10.03 12.20 -24.23
CA VAL A 174 -10.65 11.02 -24.83
C VAL A 174 -12.03 11.36 -25.40
N THR A 175 -12.79 12.17 -24.67
CA THR A 175 -14.11 12.63 -25.12
C THR A 175 -14.02 13.50 -26.37
N ALA A 176 -13.04 14.40 -26.39
CA ALA A 176 -12.82 15.32 -27.52
C ALA A 176 -12.40 14.58 -28.80
N LEU A 177 -11.62 13.52 -28.62
CA LEU A 177 -11.16 12.70 -29.75
C LEU A 177 -12.20 11.66 -30.16
N GLY A 178 -13.21 11.48 -29.31
CA GLY A 178 -14.32 10.58 -29.60
C GLY A 178 -13.99 9.10 -29.48
N TRP A 179 -13.01 8.78 -28.63
CA TRP A 179 -12.60 7.40 -28.41
C TRP A 179 -13.35 6.80 -27.22
N ASN A 180 -14.57 6.36 -27.46
CA ASN A 180 -15.45 5.82 -26.41
C ASN A 180 -15.03 4.44 -25.87
N TYR A 181 -14.08 3.79 -26.55
CA TYR A 181 -13.63 2.45 -26.19
C TYR A 181 -12.12 2.43 -25.94
N VAL A 182 -11.74 2.41 -24.67
CA VAL A 182 -10.32 2.52 -24.27
C VAL A 182 -9.84 1.40 -23.36
N SER A 183 -8.55 1.10 -23.43
CA SER A 183 -7.90 0.18 -22.50
C SER A 183 -6.97 0.94 -21.56
N THR A 184 -6.74 0.40 -20.37
CA THR A 184 -5.89 1.06 -19.39
C THR A 184 -4.68 0.20 -19.00
N LEU A 185 -3.53 0.85 -18.91
CA LEU A 185 -2.27 0.20 -18.55
C LEU A 185 -1.60 0.93 -17.39
N ALA A 186 -1.17 0.17 -16.39
CA ALA A 186 -0.64 0.74 -15.15
C ALA A 186 0.56 -0.03 -14.59
N SER A 187 1.50 0.70 -14.02
CA SER A 187 2.60 0.11 -13.26
C SER A 187 2.13 -0.25 -11.86
N GLU A 188 2.60 -1.38 -11.34
CA GLU A 188 2.24 -1.82 -9.99
C GLU A 188 2.73 -0.80 -8.96
N GLY A 189 1.81 -0.39 -8.08
CA GLY A 189 2.08 0.66 -7.11
C GLY A 189 0.91 1.63 -7.04
N ASN A 190 0.99 2.57 -6.09
CA ASN A 190 -0.09 3.51 -5.84
C ASN A 190 -0.40 4.43 -7.03
N TYR A 191 0.65 5.00 -7.62
CA TYR A 191 0.50 5.94 -8.73
C TYR A 191 -0.23 5.34 -9.94
N GLY A 192 0.20 4.15 -10.36
CA GLY A 192 -0.38 3.49 -11.52
C GLY A 192 -1.79 2.99 -11.28
N GLU A 193 -1.95 2.18 -10.24
CA GLU A 193 -3.23 1.53 -9.95
C GLU A 193 -4.35 2.48 -9.54
N SER A 194 -4.04 3.44 -8.68
CA SER A 194 -5.05 4.40 -8.20
C SER A 194 -5.26 5.57 -9.16
N GLY A 195 -4.30 5.79 -10.05
CA GLY A 195 -4.42 6.78 -11.10
C GLY A 195 -5.40 6.30 -12.18
N VAL A 196 -5.31 5.02 -12.51
CA VAL A 196 -6.23 4.36 -13.43
C VAL A 196 -7.60 4.20 -12.80
N GLU A 197 -7.63 3.94 -11.49
CA GLU A 197 -8.86 3.84 -10.71
C GLU A 197 -9.66 5.14 -10.76
N ALA A 198 -8.95 6.27 -10.70
CA ALA A 198 -9.55 7.60 -10.78
C ALA A 198 -10.17 7.83 -12.16
N PHE A 199 -9.48 7.37 -13.20
CA PHE A 199 -9.98 7.46 -14.58
C PHE A 199 -11.24 6.59 -14.75
N THR A 200 -11.23 5.42 -14.11
CA THR A 200 -12.32 4.45 -14.19
C THR A 200 -13.58 4.96 -13.48
N GLN A 201 -13.39 5.58 -12.31
CA GLN A 201 -14.49 6.11 -11.50
C GLN A 201 -15.25 7.23 -12.21
N ILE A 202 -14.50 8.11 -12.88
CA ILE A 202 -15.09 9.22 -13.65
C ILE A 202 -15.86 8.68 -14.86
N SER A 203 -15.30 7.65 -15.50
CA SER A 203 -15.93 6.99 -16.65
C SER A 203 -17.30 6.39 -16.31
N ARG A 204 -17.40 5.81 -15.11
CA ARG A 204 -18.63 5.17 -14.65
C ARG A 204 -19.66 6.20 -14.16
N GLU A 205 -19.17 7.32 -13.64
CA GLU A 205 -20.04 8.34 -13.05
C GLU A 205 -20.75 9.20 -14.10
N ILE A 206 -20.01 9.64 -15.11
CA ILE A 206 -20.55 10.53 -16.15
C ILE A 206 -19.89 10.28 -17.50
N GLY A 207 -20.68 10.40 -18.57
CA GLY A 207 -20.18 10.25 -19.93
C GLY A 207 -20.41 8.87 -20.52
N GLY A 208 -20.05 8.71 -21.79
CA GLY A 208 -20.22 7.44 -22.50
C GLY A 208 -18.91 6.75 -22.81
N VAL A 209 -17.87 7.04 -22.02
CA VAL A 209 -16.56 6.42 -22.18
C VAL A 209 -16.57 5.06 -21.48
N SER A 210 -16.27 4.02 -22.25
CA SER A 210 -16.26 2.64 -21.75
C SER A 210 -14.84 2.08 -21.75
N ILE A 211 -14.55 1.24 -20.76
CA ILE A 211 -13.21 0.64 -20.61
C ILE A 211 -13.22 -0.85 -20.97
N ALA A 212 -12.38 -1.21 -21.95
CA ALA A 212 -12.28 -2.57 -22.45
C ALA A 212 -11.63 -3.51 -21.44
N GLN A 213 -10.41 -3.16 -21.02
CA GLN A 213 -9.64 -3.98 -20.08
C GLN A 213 -8.64 -3.15 -19.28
N SER A 214 -8.28 -3.65 -18.10
CA SER A 214 -7.27 -3.02 -17.26
C SER A 214 -6.10 -3.96 -17.02
N GLN A 215 -4.95 -3.59 -17.58
CA GLN A 215 -3.72 -4.37 -17.41
C GLN A 215 -2.78 -3.74 -16.40
N LYS A 216 -2.05 -4.58 -15.68
CA LYS A 216 -1.10 -4.13 -14.67
C LYS A 216 0.29 -4.71 -14.92
N ILE A 217 1.27 -3.82 -15.10
CA ILE A 217 2.66 -4.22 -15.24
C ILE A 217 3.21 -4.56 -13.86
N PRO A 218 3.70 -5.80 -13.68
CA PRO A 218 4.24 -6.24 -12.39
C PRO A 218 5.43 -5.41 -11.93
N ARG A 219 5.58 -5.31 -10.61
CA ARG A 219 6.70 -4.57 -10.00
C ARG A 219 8.04 -5.22 -10.32
N GLU A 220 8.04 -6.56 -10.37
CA GLU A 220 9.19 -7.33 -10.82
C GLU A 220 8.83 -8.09 -12.09
N PRO A 221 9.02 -7.45 -13.27
CA PRO A 221 8.62 -8.03 -14.54
C PRO A 221 9.45 -9.26 -14.93
N ARG A 222 8.76 -10.34 -15.26
CA ARG A 222 9.39 -11.59 -15.70
C ARG A 222 9.94 -11.43 -17.12
N PRO A 223 10.87 -12.33 -17.54
CA PRO A 223 11.34 -12.28 -18.93
C PRO A 223 10.22 -12.58 -19.93
N GLY A 224 9.94 -11.61 -20.79
CA GLY A 224 8.89 -11.73 -21.79
C GLY A 224 7.51 -11.25 -21.33
N GLU A 225 7.49 -10.54 -20.21
CA GLU A 225 6.26 -10.02 -19.62
C GLU A 225 5.64 -8.91 -20.48
N PHE A 226 6.49 -8.03 -21.00
CA PHE A 226 6.04 -6.90 -21.82
C PHE A 226 5.47 -7.32 -23.18
N GLU A 227 5.98 -8.42 -23.71
CA GLU A 227 5.46 -9.01 -24.95
C GLU A 227 4.07 -9.62 -24.74
N LYS A 228 3.86 -10.17 -23.54
CA LYS A 228 2.57 -10.75 -23.16
C LYS A 228 1.49 -9.69 -22.95
N ILE A 229 1.91 -8.53 -22.44
CA ILE A 229 1.00 -7.41 -22.18
C ILE A 229 0.43 -6.84 -23.49
N ILE A 230 1.30 -6.65 -24.48
CA ILE A 230 0.89 -6.18 -25.80
C ILE A 230 -0.12 -7.14 -26.45
N LYS A 231 0.17 -8.44 -26.33
CA LYS A 231 -0.71 -9.50 -26.84
C LYS A 231 -2.06 -9.53 -26.12
N ARG A 232 -2.04 -9.21 -24.83
CA ARG A 232 -3.26 -9.10 -24.01
C ARG A 232 -4.10 -7.89 -24.43
N LEU A 233 -3.43 -6.81 -24.82
CA LEU A 233 -4.10 -5.61 -25.31
C LEU A 233 -4.71 -5.81 -26.70
N LEU A 234 -4.16 -6.77 -27.45
CA LEU A 234 -4.66 -7.14 -28.76
C LEU A 234 -5.92 -8.01 -28.69
N GLU A 235 -6.25 -8.48 -27.49
CA GLU A 235 -7.46 -9.28 -27.26
C GLU A 235 -8.72 -8.42 -27.33
N THR A 236 -8.54 -7.10 -27.32
CA THR A 236 -9.61 -6.15 -27.60
C THR A 236 -9.17 -5.25 -28.76
N PRO A 237 -9.29 -5.75 -30.01
CA PRO A 237 -8.76 -5.06 -31.20
C PRO A 237 -9.38 -3.69 -31.46
N ASN A 238 -10.64 -3.51 -31.06
CA ASN A 238 -11.33 -2.23 -31.19
C ASN A 238 -10.75 -1.15 -30.28
N ALA A 239 -10.26 -1.57 -29.12
CA ALA A 239 -9.63 -0.67 -28.17
C ALA A 239 -8.20 -0.36 -28.58
N ARG A 240 -8.05 0.65 -29.45
CA ARG A 240 -6.75 1.09 -29.93
C ARG A 240 -6.10 2.05 -28.94
N ALA A 241 -6.92 2.89 -28.32
CA ALA A 241 -6.45 3.90 -27.37
C ALA A 241 -6.09 3.26 -26.02
N VAL A 242 -4.90 3.59 -25.53
CA VAL A 242 -4.42 3.06 -24.26
C VAL A 242 -4.07 4.18 -23.27
N ILE A 243 -4.83 4.26 -22.18
CA ILE A 243 -4.54 5.16 -21.08
C ILE A 243 -3.39 4.57 -20.25
N MET A 244 -2.33 5.35 -20.07
CA MET A 244 -1.08 4.82 -19.51
C MET A 244 -0.61 5.56 -18.26
N PHE A 245 -0.65 4.86 -17.13
CA PHE A 245 -0.09 5.34 -15.87
C PHE A 245 1.07 4.44 -15.48
N ALA A 246 2.19 4.57 -16.19
CA ALA A 246 3.35 3.73 -15.97
C ALA A 246 4.65 4.55 -15.94
N ASN A 247 5.64 4.06 -15.20
CA ASN A 247 6.94 4.73 -15.12
C ASN A 247 7.74 4.65 -16.41
N GLU A 248 8.67 5.59 -16.59
CA GLU A 248 9.43 5.73 -17.84
C GLU A 248 10.18 4.47 -18.30
N ASP A 249 10.61 3.64 -17.34
CA ASP A 249 11.28 2.38 -17.64
C ASP A 249 10.31 1.35 -18.21
N ASP A 250 9.07 1.37 -17.73
CA ASP A 250 8.02 0.47 -18.21
C ASP A 250 7.50 0.88 -19.60
N ILE A 251 7.39 2.19 -19.83
CA ILE A 251 6.94 2.72 -21.11
C ILE A 251 7.91 2.36 -22.24
N ARG A 252 9.20 2.46 -21.97
CA ARG A 252 10.24 2.13 -22.93
C ARG A 252 10.14 0.67 -23.38
N ARG A 253 9.90 -0.22 -22.42
CA ARG A 253 9.82 -1.66 -22.70
C ARG A 253 8.47 -2.08 -23.31
N ILE A 254 7.43 -1.29 -23.05
CA ILE A 254 6.12 -1.50 -23.68
C ILE A 254 6.20 -1.11 -25.16
N LEU A 255 6.84 0.04 -25.43
CA LEU A 255 7.06 0.53 -26.79
C LEU A 255 8.04 -0.35 -27.56
N GLU A 256 8.98 -0.95 -26.83
CA GLU A 256 9.95 -1.88 -27.41
C GLU A 256 9.26 -3.17 -27.86
N ALA A 257 8.33 -3.65 -27.04
CA ALA A 257 7.56 -4.86 -27.34
C ALA A 257 6.56 -4.63 -28.47
N ALA A 258 6.04 -3.40 -28.56
CA ALA A 258 5.12 -3.03 -29.62
C ALA A 258 5.83 -2.93 -30.97
N LYS A 259 7.11 -2.54 -30.94
CA LYS A 259 7.95 -2.49 -32.15
C LYS A 259 8.39 -3.90 -32.55
N LYS A 260 8.67 -4.73 -31.54
CA LYS A 260 9.10 -6.11 -31.76
C LYS A 260 8.02 -6.96 -32.42
N LEU A 261 6.76 -6.67 -32.10
CA LEU A 261 5.62 -7.40 -32.63
C LEU A 261 4.96 -6.70 -33.81
N ASN A 262 5.66 -5.72 -34.40
CA ASN A 262 5.19 -4.92 -35.53
C ASN A 262 3.77 -4.38 -35.36
N GLN A 263 3.58 -3.54 -34.35
CA GLN A 263 2.28 -2.94 -34.06
C GLN A 263 2.31 -1.42 -34.24
N SER A 264 3.03 -0.98 -35.27
CA SER A 264 3.16 0.43 -35.58
C SER A 264 1.87 1.02 -36.14
N GLY A 265 1.36 2.04 -35.48
CA GLY A 265 0.15 2.74 -35.93
C GLY A 265 -1.15 2.23 -35.35
N HIS A 266 -1.12 1.05 -34.74
CA HIS A 266 -2.32 0.46 -34.15
C HIS A 266 -2.73 1.11 -32.83
N PHE A 267 -1.81 1.12 -31.86
CA PHE A 267 -2.09 1.67 -30.54
C PHE A 267 -2.02 3.19 -30.53
N LEU A 268 -3.01 3.81 -29.88
CA LEU A 268 -3.07 5.25 -29.71
C LEU A 268 -2.77 5.59 -28.24
N TRP A 269 -1.51 5.90 -27.96
CA TRP A 269 -1.03 6.06 -26.58
C TRP A 269 -1.50 7.36 -25.93
N ILE A 270 -2.00 7.23 -24.70
CA ILE A 270 -2.32 8.39 -23.87
C ILE A 270 -1.48 8.29 -22.58
N GLY A 271 -0.41 9.08 -22.53
CA GLY A 271 0.53 9.03 -21.41
C GLY A 271 0.30 10.10 -20.36
N SER A 272 0.53 9.74 -19.09
CA SER A 272 0.38 10.66 -17.97
C SER A 272 1.68 11.43 -17.70
N ASP A 273 1.78 12.03 -16.51
CA ASP A 273 2.93 12.86 -16.13
C ASP A 273 4.26 12.10 -16.10
N SER A 274 4.19 10.79 -15.83
CA SER A 274 5.38 9.94 -15.82
C SER A 274 5.93 9.71 -17.24
N TRP A 275 5.08 9.90 -18.24
CA TRP A 275 5.53 9.93 -19.64
C TRP A 275 5.99 11.36 -19.96
N GLY A 276 5.06 12.32 -19.82
CA GLY A 276 5.34 13.73 -20.05
C GLY A 276 5.99 14.02 -21.39
N SER A 277 6.98 14.92 -21.38
CA SER A 277 7.75 15.24 -22.57
C SER A 277 9.18 14.69 -22.46
N LYS A 278 9.29 13.49 -21.91
CA LYS A 278 10.59 12.87 -21.64
C LYS A 278 11.23 12.25 -22.88
N ILE A 279 12.55 12.28 -22.92
CA ILE A 279 13.32 11.69 -24.01
C ILE A 279 13.62 10.20 -23.77
N ALA A 280 13.58 9.80 -22.50
CA ALA A 280 13.96 8.44 -22.08
C ALA A 280 13.12 7.30 -22.69
N PRO A 281 11.78 7.39 -22.65
CA PRO A 281 10.98 6.29 -23.18
C PRO A 281 10.93 6.23 -24.71
N VAL A 282 11.26 7.35 -25.37
CA VAL A 282 11.15 7.45 -26.83
C VAL A 282 12.49 7.36 -27.56
N TYR A 283 13.59 7.32 -26.80
CA TYR A 283 14.94 7.27 -27.36
C TYR A 283 15.16 6.00 -28.18
N GLN A 284 15.60 6.19 -29.43
CA GLN A 284 15.81 5.11 -30.40
C GLN A 284 14.52 4.38 -30.82
N GLN A 285 13.39 4.79 -30.22
CA GLN A 285 12.08 4.21 -30.53
C GLN A 285 11.09 5.33 -30.88
N GLU A 286 11.50 6.19 -31.79
CA GLU A 286 10.74 7.37 -32.17
C GLU A 286 9.50 7.04 -33.00
N GLU A 287 9.67 6.13 -33.98
CA GLU A 287 8.62 5.79 -34.93
C GLU A 287 7.40 5.10 -34.30
N ILE A 288 7.66 4.26 -33.30
CA ILE A 288 6.59 3.53 -32.61
C ILE A 288 5.77 4.41 -31.66
N ALA A 289 6.36 5.55 -31.27
CA ALA A 289 5.72 6.45 -30.30
C ALA A 289 5.05 7.67 -30.98
N GLU A 290 4.97 7.65 -32.30
CA GLU A 290 4.39 8.76 -33.06
C GLU A 290 2.89 8.92 -32.81
N GLY A 291 2.46 10.15 -32.57
CA GLY A 291 1.05 10.48 -32.37
C GLY A 291 0.57 10.29 -30.94
N ALA A 292 1.50 10.02 -30.03
CA ALA A 292 1.16 9.80 -28.62
C ALA A 292 0.84 11.10 -27.90
N VAL A 293 -0.36 11.16 -27.33
CA VAL A 293 -0.81 12.31 -26.55
C VAL A 293 -0.31 12.16 -25.11
N THR A 294 0.38 13.17 -24.60
CA THR A 294 0.95 13.12 -23.25
C THR A 294 0.53 14.29 -22.38
N ILE A 295 0.46 14.05 -21.07
CA ILE A 295 0.10 15.07 -20.09
C ILE A 295 1.28 15.39 -19.19
N LEU A 296 1.39 16.66 -18.81
CA LEU A 296 2.41 17.12 -17.85
C LEU A 296 1.89 18.39 -17.17
N PRO A 297 2.07 18.50 -15.85
CA PRO A 297 1.66 19.71 -15.12
C PRO A 297 2.30 20.98 -15.65
N LYS A 298 1.58 22.09 -15.55
CA LYS A 298 2.04 23.40 -16.05
C LYS A 298 3.44 23.76 -15.55
N ARG A 299 4.37 23.87 -16.49
CA ARG A 299 5.77 24.19 -16.16
C ARG A 299 6.45 24.94 -17.31
N ALA A 300 7.57 25.58 -16.98
CA ALA A 300 8.39 26.27 -17.97
C ALA A 300 9.87 25.90 -17.78
N SER A 301 10.64 25.99 -18.87
CA SER A 301 12.07 25.73 -18.83
C SER A 301 12.81 26.90 -18.18
N ILE A 302 13.60 26.59 -17.16
CA ILE A 302 14.34 27.61 -16.41
C ILE A 302 15.74 27.80 -16.99
N ASP A 303 16.03 29.03 -17.42
CA ASP A 303 17.32 29.39 -17.99
C ASP A 303 18.44 29.36 -16.95
N GLY A 304 18.09 29.70 -15.71
CA GLY A 304 19.04 29.72 -14.59
C GLY A 304 19.67 28.38 -14.29
N PHE A 305 18.89 27.31 -14.39
CA PHE A 305 19.38 25.96 -14.18
C PHE A 305 20.25 25.48 -15.33
N ASP A 306 19.88 25.86 -16.55
CA ASP A 306 20.63 25.49 -17.75
C ASP A 306 22.05 26.04 -17.75
N ARG A 307 22.21 27.26 -17.26
CA ARG A 307 23.54 27.89 -17.15
C ARG A 307 24.38 27.19 -16.08
N TYR A 308 23.74 26.79 -14.98
CA TYR A 308 24.41 26.11 -13.88
C TYR A 308 24.81 24.68 -14.22
N PHE A 309 23.90 23.92 -14.81
CA PHE A 309 24.13 22.50 -15.11
C PHE A 309 25.21 22.29 -16.16
N ARG A 310 25.28 23.20 -17.14
CA ARG A 310 26.28 23.13 -18.21
C ARG A 310 27.70 23.42 -17.69
N SER A 311 27.79 24.21 -16.63
CA SER A 311 29.09 24.57 -16.03
C SER A 311 29.63 23.48 -15.11
N ARG A 312 28.78 22.51 -14.77
CA ARG A 312 29.17 21.39 -13.91
C ARG A 312 30.08 20.41 -14.66
N THR A 313 31.23 20.11 -14.06
CA THR A 313 32.21 19.19 -14.65
C THR A 313 32.71 18.19 -13.60
N LEU A 314 33.55 17.24 -14.03
CA LEU A 314 34.18 16.29 -13.13
C LEU A 314 35.03 16.98 -12.06
N ALA A 315 35.69 18.05 -12.45
CA ALA A 315 36.63 18.77 -11.59
C ALA A 315 35.95 19.56 -10.48
N ASN A 316 34.91 20.32 -10.82
CA ASN A 316 34.27 21.24 -9.86
C ASN A 316 33.05 20.69 -9.12
N ASN A 317 32.51 19.57 -9.59
CA ASN A 317 31.34 18.97 -8.96
C ASN A 317 31.64 17.69 -8.17
N ARG A 318 32.53 17.82 -7.18
CA ARG A 318 32.84 16.73 -6.26
C ARG A 318 31.70 16.54 -5.25
N ARG A 319 30.95 17.61 -5.02
CA ARG A 319 29.78 17.61 -4.13
C ARG A 319 28.79 16.51 -4.49
N ASN A 320 28.51 16.36 -5.78
CA ASN A 320 27.66 15.29 -6.29
C ASN A 320 28.45 13.99 -6.40
N VAL A 321 28.14 13.05 -5.51
CA VAL A 321 28.88 11.79 -5.41
C VAL A 321 28.57 10.81 -6.56
N TRP A 322 27.43 11.02 -7.23
CA TRP A 322 27.01 10.17 -8.35
C TRP A 322 27.37 10.77 -9.71
N PHE A 323 28.00 11.94 -9.70
CA PHE A 323 28.32 12.67 -10.93
C PHE A 323 29.40 11.99 -11.77
N ALA A 324 30.27 11.23 -11.13
CA ALA A 324 31.29 10.44 -11.82
C ALA A 324 30.68 9.32 -12.64
N GLU A 325 29.65 8.67 -12.09
CA GLU A 325 28.90 7.65 -12.79
C GLU A 325 28.03 8.26 -13.90
N PHE A 326 27.53 9.47 -13.64
CA PHE A 326 26.76 10.23 -14.62
C PHE A 326 27.61 10.56 -15.86
N TRP A 327 28.86 10.94 -15.61
CA TRP A 327 29.80 11.31 -16.66
C TRP A 327 30.04 10.16 -17.63
N GLU A 328 30.15 8.95 -17.07
CA GLU A 328 30.36 7.73 -17.86
C GLU A 328 29.15 7.36 -18.71
N GLU A 329 27.96 7.69 -18.20
CA GLU A 329 26.71 7.34 -18.86
C GLU A 329 26.28 8.41 -19.88
N ASN A 330 26.56 9.66 -19.57
CA ASN A 330 26.16 10.79 -20.41
C ASN A 330 26.96 10.92 -21.71
N PHE A 331 28.25 10.62 -21.63
CA PHE A 331 29.15 10.75 -22.79
C PHE A 331 29.54 9.41 -23.41
N GLY A 332 29.31 8.32 -22.66
CA GLY A 332 29.56 6.97 -23.17
C GLY A 332 31.02 6.58 -23.18
N CYS A 333 31.69 6.75 -22.04
CA CYS A 333 33.10 6.40 -21.89
C CYS A 333 33.40 5.84 -20.50
N LYS A 334 34.61 5.29 -20.33
CA LYS A 334 35.03 4.73 -19.04
C LYS A 334 36.06 5.65 -18.38
N LEU A 335 35.93 5.82 -17.06
CA LEU A 335 36.82 6.71 -16.31
C LEU A 335 38.13 6.02 -15.97
N LYS A 347 39.44 6.42 -20.86
CA LYS A 347 38.69 6.71 -22.08
C LYS A 347 38.10 8.13 -22.05
N CYS A 348 37.56 8.52 -20.90
CA CYS A 348 37.07 9.89 -20.71
C CYS A 348 38.24 10.82 -20.47
N THR A 349 38.27 11.93 -21.21
CA THR A 349 39.33 12.93 -21.07
C THR A 349 39.12 13.81 -19.84
N GLY A 350 37.85 14.08 -19.52
CA GLY A 350 37.50 14.99 -18.44
C GLY A 350 37.24 16.40 -18.94
N LEU A 351 37.51 16.62 -20.24
CA LEU A 351 37.34 17.91 -20.87
C LEU A 351 36.01 17.99 -21.65
N GLU A 352 35.16 16.99 -21.47
CA GLU A 352 33.84 16.96 -22.10
C GLU A 352 32.92 18.00 -21.47
N ARG A 353 31.97 18.51 -22.26
CA ARG A 353 30.98 19.46 -21.77
C ARG A 353 29.55 19.02 -22.07
N ILE A 354 28.66 19.24 -21.10
CA ILE A 354 27.25 18.89 -21.23
C ILE A 354 26.57 19.85 -22.23
N ALA A 355 25.70 19.29 -23.06
CA ALA A 355 25.00 20.00 -24.14
C ALA A 355 25.86 20.25 -25.38
N ARG A 356 27.19 20.16 -25.22
CA ARG A 356 28.13 20.36 -26.32
C ARG A 356 28.54 19.03 -26.95
N ASP A 357 28.95 18.08 -26.09
CA ASP A 357 29.44 16.78 -26.55
C ASP A 357 28.35 15.70 -26.53
N SER A 358 27.25 15.98 -25.84
CA SER A 358 26.12 15.05 -25.76
C SER A 358 24.79 15.79 -25.85
N SER A 359 23.71 15.05 -26.10
CA SER A 359 22.37 15.61 -26.17
C SER A 359 21.87 15.96 -24.77
N TYR A 360 21.39 17.19 -24.61
CA TYR A 360 20.87 17.66 -23.34
C TYR A 360 19.60 18.49 -23.47
N GLU A 361 18.61 18.15 -22.66
CA GLU A 361 17.41 18.95 -22.47
C GLU A 361 16.99 18.86 -21.01
N GLN A 362 16.59 19.99 -20.44
CA GLN A 362 16.16 20.05 -19.05
C GLN A 362 14.93 19.18 -18.80
N GLU A 363 14.98 18.36 -17.75
CA GLU A 363 13.88 17.47 -17.38
C GLU A 363 12.64 18.27 -16.99
N GLY A 364 11.48 17.74 -17.34
CA GLY A 364 10.20 18.44 -17.16
C GLY A 364 9.86 18.89 -15.76
N LYS A 365 10.33 18.16 -14.76
CA LYS A 365 9.96 18.45 -13.37
C LYS A 365 11.07 19.12 -12.56
N VAL A 366 12.06 19.69 -13.26
CA VAL A 366 13.15 20.44 -12.63
C VAL A 366 12.62 21.68 -11.90
N GLN A 367 11.61 22.32 -12.50
CA GLN A 367 10.94 23.48 -11.89
C GLN A 367 10.32 23.14 -10.54
N PHE A 368 9.67 21.98 -10.47
CA PHE A 368 8.97 21.56 -9.25
C PHE A 368 9.91 21.19 -8.12
N VAL A 369 11.12 20.74 -8.45
CA VAL A 369 12.14 20.46 -7.45
C VAL A 369 12.63 21.77 -6.83
N ILE A 370 12.92 22.76 -7.66
CA ILE A 370 13.38 24.08 -7.22
C ILE A 370 12.30 24.80 -6.42
N ASP A 371 11.06 24.74 -6.91
CA ASP A 371 9.92 25.37 -6.24
C ASP A 371 9.59 24.72 -4.89
N ALA A 372 9.91 23.43 -4.76
CA ALA A 372 9.71 22.71 -3.50
C ALA A 372 10.70 23.17 -2.42
N VAL A 373 11.94 23.39 -2.83
CA VAL A 373 13.00 23.87 -1.92
C VAL A 373 12.72 25.31 -1.50
N TYR A 374 12.29 26.14 -2.46
CA TYR A 374 11.93 27.53 -2.19
C TYR A 374 10.71 27.65 -1.26
N SER A 375 9.77 26.71 -1.39
CA SER A 375 8.61 26.66 -0.51
C SER A 375 9.00 26.38 0.93
N MET A 376 10.04 25.56 1.10
CA MET A 376 10.60 25.26 2.41
C MET A 376 11.38 26.47 2.95
N ALA A 377 12.13 27.11 2.07
CA ALA A 377 12.97 28.27 2.42
C ALA A 377 12.15 29.49 2.82
N TYR A 378 11.11 29.79 2.05
CA TYR A 378 10.21 30.91 2.34
C TYR A 378 9.45 30.71 3.65
N ALA A 379 9.06 29.46 3.92
CA ALA A 379 8.37 29.12 5.16
C ALA A 379 9.28 29.28 6.38
N LEU A 380 10.55 28.93 6.20
CA LEU A 380 11.57 29.13 7.24
C LEU A 380 11.88 30.62 7.42
N HIS A 381 11.82 31.37 6.32
CA HIS A 381 12.00 32.81 6.34
C HIS A 381 10.85 33.52 7.05
N ASN A 382 9.63 33.07 6.78
CA ASN A 382 8.42 33.62 7.41
C ASN A 382 8.31 33.27 8.89
N MET A 383 8.82 32.09 9.26
CA MET A 383 8.87 31.66 10.66
C MET A 383 9.93 32.45 11.42
N HIS A 384 11.01 32.79 10.73
CA HIS A 384 12.10 33.59 11.29
C HIS A 384 11.65 35.01 11.63
N LYS A 385 10.77 35.58 10.80
CA LYS A 385 10.26 36.94 10.99
C LYS A 385 9.39 37.07 12.23
N ASP A 386 8.72 35.98 12.62
CA ASP A 386 7.84 35.98 13.78
C ASP A 386 8.57 35.63 15.08
N LEU A 387 9.49 34.66 14.99
CA LEU A 387 10.23 34.19 16.17
C LEU A 387 11.45 35.06 16.48
N CYS A 388 12.15 35.52 15.44
CA CYS A 388 13.31 36.39 15.59
C CYS A 388 13.06 37.71 14.85
N PRO A 389 12.32 38.64 15.49
CA PRO A 389 11.88 39.86 14.80
C PRO A 389 12.99 40.91 14.58
N GLY A 390 14.07 40.80 15.34
CA GLY A 390 15.16 41.77 15.27
C GLY A 390 16.46 41.21 14.72
N TYR A 391 16.84 40.03 15.18
CA TYR A 391 18.12 39.41 14.84
C TYR A 391 18.21 39.02 13.36
N ILE A 392 19.31 39.43 12.73
CA ILE A 392 19.61 39.04 11.35
C ILE A 392 20.41 37.75 11.35
N GLY A 393 19.69 36.62 11.34
CA GLY A 393 20.30 35.30 11.45
C GLY A 393 19.54 34.43 12.43
N LEU A 394 20.04 33.21 12.64
CA LEU A 394 19.39 32.24 13.52
C LEU A 394 19.47 32.66 14.98
N CYS A 395 18.31 32.96 15.57
CA CYS A 395 18.22 33.40 16.96
C CYS A 395 18.02 32.21 17.91
N PRO A 396 18.27 32.41 19.23
CA PRO A 396 18.11 31.34 20.23
C PRO A 396 16.69 30.76 20.32
N ARG A 397 15.68 31.56 19.96
CA ARG A 397 14.29 31.10 19.96
C ARG A 397 14.01 30.11 18.82
N MET A 398 14.81 30.21 17.76
CA MET A 398 14.70 29.31 16.60
C MET A 398 15.91 28.36 16.55
N SER A 399 16.21 27.74 17.69
CA SER A 399 17.29 26.77 17.79
C SER A 399 16.83 25.39 17.30
N THR A 400 15.64 24.99 17.73
CA THR A 400 15.02 23.75 17.29
C THR A 400 13.69 24.05 16.59
N ILE A 401 13.58 23.62 15.34
CA ILE A 401 12.40 23.87 14.53
C ILE A 401 11.28 22.89 14.87
N ASP A 402 10.12 23.42 15.23
CA ASP A 402 8.94 22.61 15.52
C ASP A 402 8.26 22.19 14.21
N GLY A 403 7.95 20.90 14.10
CA GLY A 403 7.35 20.33 12.89
C GLY A 403 5.97 20.85 12.57
N LYS A 404 5.13 20.99 13.60
CA LYS A 404 3.76 21.47 13.44
C LYS A 404 3.71 22.95 13.08
N GLU A 405 4.64 23.74 13.64
CA GLU A 405 4.73 25.17 13.36
C GLU A 405 5.21 25.44 11.94
N LEU A 406 6.28 24.74 11.53
CA LEU A 406 6.85 24.88 10.19
C LEU A 406 5.84 24.51 9.09
N LEU A 407 5.08 23.45 9.34
CA LEU A 407 4.02 23.01 8.43
C LEU A 407 2.97 24.09 8.20
N GLY A 408 2.66 24.84 9.26
CA GLY A 408 1.72 25.95 9.18
C GLY A 408 2.18 27.06 8.26
N TYR A 409 3.49 27.35 8.28
CA TYR A 409 4.07 28.36 7.41
C TYR A 409 4.22 27.89 5.97
N ILE A 410 4.35 26.58 5.78
CA ILE A 410 4.42 25.97 4.45
C ILE A 410 3.07 26.11 3.73
N ARG A 411 1.99 25.82 4.45
CA ARG A 411 0.62 25.89 3.89
C ARG A 411 0.16 27.33 3.66
N ALA A 412 0.75 28.27 4.38
CA ALA A 412 0.36 29.68 4.32
C ALA A 412 1.24 30.52 3.38
N VAL A 413 2.22 29.87 2.74
CA VAL A 413 3.16 30.57 1.87
C VAL A 413 2.55 30.91 0.50
N ASN A 414 2.93 32.08 -0.02
CA ASN A 414 2.46 32.54 -1.33
C ASN A 414 3.51 33.40 -2.01
N PHE A 415 4.12 32.86 -3.06
CA PHE A 415 5.23 33.52 -3.75
C PHE A 415 5.30 33.15 -5.23
N ASN A 416 6.06 33.93 -6.00
CA ASN A 416 6.34 33.61 -7.40
C ASN A 416 7.53 32.67 -7.50
N GLY A 417 7.34 31.58 -8.23
CA GLY A 417 8.35 30.51 -8.34
C GLY A 417 9.54 30.85 -9.24
N SER A 418 10.25 29.80 -9.65
CA SER A 418 11.46 29.94 -10.46
C SER A 418 11.19 30.23 -11.93
N ALA A 419 9.93 30.05 -12.35
CA ALA A 419 9.54 30.29 -13.74
C ALA A 419 8.62 31.50 -13.88
N GLY A 420 8.31 32.15 -12.77
CA GLY A 420 7.39 33.29 -12.74
C GLY A 420 5.98 32.87 -12.37
N THR A 421 5.74 31.56 -12.34
CA THR A 421 4.45 30.99 -11.96
C THR A 421 4.30 31.06 -10.43
N PRO A 422 3.12 31.51 -9.95
CA PRO A 422 2.83 31.55 -8.52
C PRO A 422 2.78 30.15 -7.90
N VAL A 423 3.43 29.99 -6.75
CA VAL A 423 3.43 28.73 -6.01
C VAL A 423 2.65 28.88 -4.72
N THR A 424 1.62 28.04 -4.55
CA THR A 424 0.74 28.10 -3.38
C THR A 424 0.18 26.72 -3.01
N PHE A 425 -0.27 26.60 -1.76
CA PHE A 425 -0.88 25.37 -1.26
C PHE A 425 -2.29 25.63 -0.74
N ASN A 426 -3.17 24.63 -0.88
CA ASN A 426 -4.55 24.74 -0.40
C ASN A 426 -4.74 24.11 0.98
N GLU A 427 -5.98 23.77 1.31
CA GLU A 427 -6.33 23.14 2.59
C GLU A 427 -5.76 21.73 2.73
N ASN A 428 -5.67 21.02 1.60
CA ASN A 428 -5.10 19.67 1.57
C ASN A 428 -3.57 19.67 1.44
N GLY A 429 -3.03 20.78 0.98
CA GLY A 429 -1.59 20.93 0.76
C GLY A 429 -1.19 20.55 -0.66
N ASP A 430 -2.09 20.80 -1.61
CA ASP A 430 -1.88 20.43 -3.00
C ASP A 430 -1.80 21.65 -3.92
N ALA A 431 -1.20 21.47 -5.09
CA ALA A 431 -1.14 22.50 -6.12
C ALA A 431 -2.41 22.47 -6.97
N PRO A 432 -2.75 23.61 -7.63
CA PRO A 432 -3.91 23.66 -8.52
C PRO A 432 -3.80 22.69 -9.70
N GLY A 433 -4.94 22.19 -10.16
CA GLY A 433 -4.99 21.24 -11.28
C GLY A 433 -4.78 21.91 -12.63
N ARG A 434 -3.52 22.25 -12.92
CA ARG A 434 -3.14 22.89 -14.16
C ARG A 434 -2.18 22.01 -14.96
N TYR A 435 -2.57 21.69 -16.20
CA TYR A 435 -1.82 20.76 -17.03
C TYR A 435 -1.56 21.28 -18.44
N ASP A 436 -0.45 20.82 -19.02
CA ASP A 436 -0.14 21.05 -20.44
C ASP A 436 -0.24 19.74 -21.21
N ILE A 437 -0.86 19.80 -22.38
CA ILE A 437 -1.05 18.61 -23.21
C ILE A 437 -0.12 18.65 -24.42
N PHE A 438 0.62 17.56 -24.61
CA PHE A 438 1.58 17.44 -25.70
C PHE A 438 1.21 16.31 -26.65
N GLN A 439 1.76 16.37 -27.86
CA GLN A 439 1.68 15.25 -28.80
C GLN A 439 3.04 15.02 -29.46
N TYR A 440 3.50 13.77 -29.44
CA TYR A 440 4.77 13.40 -30.05
C TYR A 440 4.63 13.35 -31.56
N GLN A 441 5.32 14.26 -32.24
CA GLN A 441 5.21 14.41 -33.69
C GLN A 441 6.56 14.27 -34.40
N ILE A 442 6.54 13.62 -35.56
CA ILE A 442 7.72 13.47 -36.40
C ILE A 442 7.51 14.14 -37.74
N THR A 443 8.39 15.08 -38.08
CA THR A 443 8.34 15.78 -39.36
C THR A 443 9.74 15.77 -40.00
N ASN A 444 9.82 15.21 -41.21
CA ASN A 444 11.07 15.04 -41.96
C ASN A 444 12.13 14.19 -41.23
N LYS A 445 12.75 14.76 -40.20
CA LYS A 445 13.75 14.05 -39.40
C LYS A 445 13.70 14.48 -37.92
N SER A 446 13.15 15.67 -37.68
CA SER A 446 13.06 16.24 -36.34
C SER A 446 11.90 15.66 -35.55
N THR A 447 12.12 15.48 -34.24
CA THR A 447 11.09 14.96 -33.33
C THR A 447 10.90 15.92 -32.15
N GLU A 448 9.64 16.16 -31.79
CA GLU A 448 9.32 17.08 -30.70
C GLU A 448 8.00 16.74 -29.99
N TYR A 449 7.87 17.22 -28.75
CA TYR A 449 6.61 17.18 -28.03
C TYR A 449 5.89 18.51 -28.22
N LYS A 450 5.10 18.61 -29.28
CA LYS A 450 4.39 19.85 -29.61
C LYS A 450 3.23 20.09 -28.63
N VAL A 451 3.15 21.32 -28.12
CA VAL A 451 2.06 21.73 -27.24
C VAL A 451 0.77 21.84 -28.06
N ILE A 452 -0.16 20.91 -27.84
CA ILE A 452 -1.42 20.85 -28.58
C ILE A 452 -2.60 21.42 -27.79
N GLY A 453 -2.39 21.63 -26.49
CA GLY A 453 -3.43 22.18 -25.63
C GLY A 453 -3.06 22.21 -24.16
N HIS A 454 -4.03 22.60 -23.33
CA HIS A 454 -3.85 22.69 -21.88
C HIS A 454 -5.15 22.44 -21.14
N TRP A 455 -5.04 21.96 -19.90
CA TRP A 455 -6.20 21.69 -19.05
C TRP A 455 -6.11 22.48 -17.74
N THR A 456 -6.99 23.48 -17.61
CA THR A 456 -7.08 24.30 -16.40
C THR A 456 -8.56 24.42 -16.01
N ASN A 457 -8.99 23.52 -15.12
CA ASN A 457 -10.41 23.34 -14.76
C ASN A 457 -11.27 22.77 -15.89
N GLN A 458 -11.05 23.27 -17.11
CA GLN A 458 -11.71 22.74 -18.31
C GLN A 458 -10.70 22.54 -19.44
N LEU A 459 -11.11 21.78 -20.45
CA LEU A 459 -10.22 21.45 -21.58
C LEU A 459 -10.06 22.60 -22.56
N HIS A 460 -8.85 22.72 -23.11
CA HIS A 460 -8.57 23.68 -24.19
C HIS A 460 -7.66 23.03 -25.23
N LEU A 461 -8.24 22.12 -26.01
CA LEU A 461 -7.47 21.30 -26.95
C LEU A 461 -7.61 21.76 -28.39
N LYS A 462 -6.47 21.87 -29.09
CA LYS A 462 -6.44 22.22 -30.51
C LYS A 462 -6.27 20.97 -31.35
N VAL A 463 -7.38 20.47 -31.90
CA VAL A 463 -7.39 19.25 -32.71
C VAL A 463 -6.74 19.47 -34.09
N GLU A 464 -6.82 20.71 -34.57
CA GLU A 464 -6.27 21.10 -35.87
C GLU A 464 -4.74 20.95 -35.96
N ASP A 465 -4.05 21.05 -34.83
CA ASP A 465 -2.59 20.98 -34.78
C ASP A 465 -2.05 19.57 -34.52
N MET A 466 -2.95 18.59 -34.47
CA MET A 466 -2.56 17.20 -34.19
CA MET A 466 -2.57 17.20 -34.18
C MET A 466 -2.26 16.41 -35.45
N GLN A 467 -1.17 15.64 -35.40
CA GLN A 467 -0.73 14.80 -36.52
C GLN A 467 -0.78 13.32 -36.15
N TRP A 468 -1.02 12.48 -37.15
CA TRP A 468 -1.21 11.04 -36.93
C TRP A 468 -0.38 10.17 -37.89
N ALA A 469 -0.07 8.96 -37.44
CA ALA A 469 0.68 7.99 -38.24
C ALA A 469 -0.26 7.03 -38.97
N HIS A 470 0.25 6.42 -40.05
CA HIS A 470 -0.52 5.46 -40.85
C HIS A 470 -0.74 4.14 -40.11
N ARG A 471 -1.89 3.52 -40.35
CA ARG A 471 -2.27 2.27 -39.68
C ARG A 471 -1.47 1.08 -40.19
N THR A 474 -3.78 -3.05 -38.88
CA THR A 474 -5.18 -3.41 -39.08
C THR A 474 -5.51 -4.70 -38.34
N HIS A 475 -6.53 -4.65 -37.49
CA HIS A 475 -6.98 -5.81 -36.73
C HIS A 475 -8.50 -5.97 -36.82
N PRO A 476 -8.96 -7.02 -37.52
CA PRO A 476 -10.40 -7.30 -37.65
C PRO A 476 -11.00 -7.79 -36.34
N ALA A 477 -12.23 -7.36 -36.06
CA ALA A 477 -12.93 -7.73 -34.84
C ALA A 477 -14.15 -8.59 -35.11
N SER A 478 -14.48 -9.47 -34.16
CA SER A 478 -15.66 -10.32 -34.25
C SER A 478 -16.34 -10.39 -32.88
N GLU A 479 -17.05 -9.32 -32.53
CA GLU A 479 -17.72 -9.21 -31.24
C GLU A 479 -19.10 -8.56 -31.38
N ALA B 1 0.31 1.35 31.91
CA ALA B 1 0.74 0.81 30.59
C ALA B 1 -0.45 0.37 29.75
N HIS B 2 -0.36 0.60 28.44
CA HIS B 2 -1.40 0.20 27.49
C HIS B 2 -0.96 -1.02 26.68
N SER B 3 -0.24 -1.93 27.35
CA SER B 3 0.25 -3.17 26.73
C SER B 3 0.52 -4.25 27.78
N ILE B 4 0.57 -5.50 27.32
CA ILE B 4 0.89 -6.63 28.18
C ILE B 4 2.37 -7.00 28.05
N ARG B 5 3.10 -6.87 29.16
CA ARG B 5 4.53 -7.16 29.17
C ARG B 5 4.86 -8.25 30.19
N VAL B 6 5.22 -9.43 29.68
CA VAL B 6 5.68 -10.53 30.52
C VAL B 6 7.10 -10.92 30.09
N ASP B 7 8.04 -10.81 31.03
CA ASP B 7 9.45 -11.08 30.75
C ASP B 7 9.75 -12.56 30.69
N GLY B 8 10.67 -12.94 29.80
CA GLY B 8 11.12 -14.32 29.66
C GLY B 8 12.49 -14.40 29.02
N ASP B 9 12.91 -15.62 28.67
CA ASP B 9 14.19 -15.83 28.01
C ASP B 9 14.17 -15.31 26.57
N ILE B 10 13.11 -15.65 25.84
CA ILE B 10 12.91 -15.17 24.47
C ILE B 10 11.57 -14.45 24.40
N ILE B 11 11.62 -13.15 24.06
CA ILE B 11 10.41 -12.32 24.02
C ILE B 11 9.77 -12.32 22.63
N LEU B 12 8.47 -12.61 22.60
CA LEU B 12 7.70 -12.62 21.35
C LEU B 12 6.71 -11.47 21.28
N GLY B 13 6.68 -10.79 20.13
CA GLY B 13 5.75 -9.68 19.91
C GLY B 13 4.37 -10.15 19.49
N GLY B 14 3.36 -9.37 19.86
CA GLY B 14 1.97 -9.70 19.52
C GLY B 14 1.18 -8.48 19.08
N LEU B 15 0.42 -8.64 18.00
CA LEU B 15 -0.41 -7.57 17.47
C LEU B 15 -1.86 -8.03 17.31
N PHE B 16 -2.75 -7.46 18.10
CA PHE B 16 -4.16 -7.86 18.12
C PHE B 16 -5.10 -6.66 18.06
N PRO B 17 -6.18 -6.78 17.27
CA PRO B 17 -7.19 -5.72 17.20
C PRO B 17 -8.13 -5.74 18.41
N VAL B 18 -7.65 -5.27 19.55
CA VAL B 18 -8.43 -5.24 20.79
C VAL B 18 -9.63 -4.30 20.64
N HIS B 19 -9.37 -3.12 20.10
CA HIS B 19 -10.42 -2.13 19.83
C HIS B 19 -10.62 -1.95 18.33
N ALA B 20 -11.83 -1.56 17.94
CA ALA B 20 -12.13 -1.23 16.55
C ALA B 20 -11.72 0.21 16.27
N LYS B 21 -11.61 0.56 14.98
CA LYS B 21 -11.26 1.92 14.58
C LYS B 21 -12.36 2.92 14.93
N GLY B 22 -11.94 4.11 15.35
CA GLY B 22 -12.87 5.17 15.76
C GLY B 22 -13.67 5.77 14.61
N GLU B 23 -14.72 6.51 14.95
CA GLU B 23 -15.61 7.10 13.95
C GLU B 23 -15.01 8.34 13.29
N ARG B 24 -14.88 9.43 14.05
CA ARG B 24 -14.37 10.69 13.52
C ARG B 24 -12.84 10.72 13.53
N GLY B 25 -12.26 11.73 14.19
CA GLY B 25 -10.80 11.85 14.31
C GLY B 25 -10.21 10.92 15.36
N VAL B 26 -11.08 10.20 16.07
CA VAL B 26 -10.66 9.24 17.09
C VAL B 26 -10.05 7.98 16.49
N PRO B 27 -8.92 7.49 17.07
CA PRO B 27 -8.25 6.28 16.58
C PRO B 27 -8.88 4.98 17.10
N CYS B 28 -8.98 4.85 18.42
CA CYS B 28 -9.48 3.62 19.04
C CYS B 28 -10.90 3.80 19.60
N GLY B 29 -11.76 2.83 19.32
CA GLY B 29 -13.16 2.90 19.70
C GLY B 29 -13.66 1.72 20.53
N GLU B 30 -14.67 1.04 20.00
CA GLU B 30 -15.34 -0.06 20.69
C GLU B 30 -14.48 -1.32 20.77
N LEU B 31 -14.45 -1.93 21.95
CA LEU B 31 -13.67 -3.15 22.19
C LEU B 31 -14.32 -4.36 21.53
N LYS B 32 -13.51 -5.08 20.75
CA LYS B 32 -13.96 -6.30 20.08
C LYS B 32 -13.71 -7.52 20.98
N LYS B 33 -14.80 -8.17 21.39
CA LYS B 33 -14.72 -9.31 22.31
C LYS B 33 -14.13 -10.56 21.65
N GLU B 34 -14.66 -10.93 20.49
CA GLU B 34 -14.26 -12.16 19.81
C GLU B 34 -12.96 -11.99 19.01
N LYS B 35 -12.94 -11.00 18.12
CA LYS B 35 -11.79 -10.75 17.24
C LYS B 35 -10.56 -10.27 18.02
N GLY B 36 -10.80 -9.60 19.15
CA GLY B 36 -9.72 -9.03 19.96
C GLY B 36 -9.28 -9.88 21.12
N ILE B 37 -10.12 -9.96 22.15
CA ILE B 37 -9.79 -10.62 23.41
C ILE B 37 -9.55 -12.13 23.26
N HIS B 38 -10.48 -12.83 22.63
CA HIS B 38 -10.37 -14.28 22.42
C HIS B 38 -9.03 -14.70 21.80
N ARG B 39 -8.63 -13.97 20.76
CA ARG B 39 -7.37 -14.24 20.05
C ARG B 39 -6.15 -13.84 20.88
N LEU B 40 -6.26 -12.69 21.56
CA LEU B 40 -5.19 -12.19 22.43
C LEU B 40 -4.91 -13.18 23.57
N GLU B 41 -5.98 -13.69 24.17
CA GLU B 41 -5.87 -14.64 25.28
C GLU B 41 -5.41 -16.02 24.80
N ALA B 42 -5.60 -16.29 23.51
CA ALA B 42 -5.15 -17.54 22.89
C ALA B 42 -3.63 -17.59 22.78
N MET B 43 -3.00 -16.44 22.54
CA MET B 43 -1.55 -16.34 22.51
C MET B 43 -0.97 -16.55 23.91
N LEU B 44 -1.60 -15.92 24.90
CA LEU B 44 -1.21 -16.07 26.30
C LEU B 44 -1.41 -17.50 26.79
N TYR B 45 -2.49 -18.14 26.34
CA TYR B 45 -2.76 -19.54 26.62
C TYR B 45 -1.67 -20.44 26.04
N ALA B 46 -1.30 -20.18 24.79
CA ALA B 46 -0.28 -20.94 24.09
C ALA B 46 1.07 -20.86 24.79
N ILE B 47 1.46 -19.64 25.15
CA ILE B 47 2.71 -19.39 25.86
C ILE B 47 2.73 -20.07 27.24
N ASP B 48 1.60 -20.03 27.94
CA ASP B 48 1.46 -20.71 29.22
C ASP B 48 1.64 -22.22 29.11
N GLN B 49 1.20 -22.78 27.99
CA GLN B 49 1.32 -24.22 27.73
C GLN B 49 2.74 -24.64 27.37
N ILE B 50 3.44 -23.79 26.61
CA ILE B 50 4.82 -24.06 26.20
C ILE B 50 5.77 -24.00 27.40
N ASN B 51 5.58 -23.01 28.26
CA ASN B 51 6.36 -22.86 29.49
C ASN B 51 6.13 -23.99 30.49
N LYS B 52 4.91 -24.52 30.48
CA LYS B 52 4.54 -25.66 31.31
C LYS B 52 5.11 -26.96 30.75
N ASP B 53 5.22 -27.03 29.42
CA ASP B 53 5.69 -28.23 28.73
C ASP B 53 7.18 -28.50 28.99
N PRO B 54 7.51 -29.69 29.51
CA PRO B 54 8.89 -30.06 29.81
C PRO B 54 9.70 -30.50 28.58
N ASP B 55 9.01 -30.91 27.52
CA ASP B 55 9.67 -31.38 26.30
C ASP B 55 9.98 -30.24 25.32
N LEU B 56 8.99 -29.39 25.08
CA LEU B 56 9.16 -28.25 24.18
C LEU B 56 9.82 -27.08 24.92
N LEU B 57 11.03 -26.74 24.47
CA LEU B 57 11.86 -25.70 25.10
C LEU B 57 12.05 -25.94 26.60
N SER B 58 12.82 -26.98 26.93
CA SER B 58 13.08 -27.37 28.32
C SER B 58 13.87 -26.30 29.06
N ASN B 59 13.40 -25.95 30.25
CA ASN B 59 14.03 -24.94 31.11
C ASN B 59 14.18 -23.57 30.43
N ILE B 60 13.32 -23.31 29.45
CA ILE B 60 13.30 -22.05 28.72
C ILE B 60 11.89 -21.47 28.73
N THR B 61 11.78 -20.20 29.15
CA THR B 61 10.50 -19.50 29.24
C THR B 61 10.37 -18.48 28.11
N LEU B 62 9.22 -18.46 27.46
CA LEU B 62 8.93 -17.49 26.41
C LEU B 62 8.27 -16.24 26.97
N GLY B 63 8.87 -15.09 26.71
CA GLY B 63 8.31 -13.80 27.10
C GLY B 63 7.35 -13.28 26.05
N VAL B 64 6.59 -12.25 26.40
CA VAL B 64 5.59 -11.69 25.48
C VAL B 64 5.43 -10.17 25.59
N ARG B 65 5.17 -9.54 24.45
CA ARG B 65 4.81 -8.12 24.38
C ARG B 65 3.66 -7.91 23.39
N ILE B 66 2.45 -7.86 23.92
CA ILE B 66 1.24 -7.71 23.11
C ILE B 66 0.79 -6.26 23.06
N LEU B 67 0.63 -5.74 21.84
CA LEU B 67 0.19 -4.36 21.62
C LEU B 67 -1.13 -4.30 20.88
N ASP B 68 -1.86 -3.21 21.08
CA ASP B 68 -3.15 -3.00 20.41
C ASP B 68 -2.94 -2.26 19.09
N THR B 69 -3.59 -2.76 18.04
CA THR B 69 -3.50 -2.17 16.71
C THR B 69 -4.62 -1.16 16.45
N CYS B 70 -5.71 -1.30 17.19
CA CYS B 70 -6.91 -0.47 17.05
C CYS B 70 -7.51 -0.49 15.63
N SER B 71 -7.38 -1.65 14.98
CA SER B 71 -7.88 -1.88 13.60
C SER B 71 -7.23 -1.01 12.52
N ARG B 72 -6.40 -0.04 12.94
CA ARG B 72 -5.74 0.87 12.02
C ARG B 72 -4.30 0.44 11.74
N ASP B 73 -3.90 0.50 10.47
CA ASP B 73 -2.55 0.16 10.06
C ASP B 73 -1.53 1.24 10.43
N THR B 74 -1.99 2.49 10.46
CA THR B 74 -1.15 3.64 10.82
C THR B 74 -0.87 3.67 12.33
N TYR B 75 -1.83 3.21 13.12
CA TYR B 75 -1.69 3.10 14.57
C TYR B 75 -0.78 1.93 14.93
N ALA B 76 -0.90 0.85 14.16
CA ALA B 76 -0.10 -0.36 14.37
C ALA B 76 1.37 -0.15 14.00
N LEU B 77 1.62 0.75 13.06
CA LEU B 77 2.99 1.11 12.66
C LEU B 77 3.71 1.81 13.82
N GLU B 78 2.99 2.68 14.52
CA GLU B 78 3.53 3.40 15.68
C GLU B 78 3.87 2.44 16.82
N GLN B 79 3.00 1.46 17.04
CA GLN B 79 3.19 0.45 18.08
C GLN B 79 4.35 -0.49 17.75
N SER B 80 4.45 -0.88 16.48
CA SER B 80 5.49 -1.82 16.02
C SER B 80 6.90 -1.25 16.10
N LEU B 81 7.01 0.07 16.30
CA LEU B 81 8.30 0.73 16.45
C LEU B 81 8.93 0.45 17.82
N THR B 82 8.12 0.01 18.77
CA THR B 82 8.62 -0.37 20.10
C THR B 82 9.34 -1.71 20.07
N PHE B 83 9.06 -2.51 19.03
CA PHE B 83 9.75 -3.78 18.81
C PHE B 83 11.19 -3.59 18.37
N VAL B 84 11.50 -2.40 17.85
CA VAL B 84 12.84 -2.08 17.34
C VAL B 84 13.46 -0.89 18.08
N GLN B 85 14.75 -0.65 17.83
CA GLN B 85 15.46 0.50 18.41
C GLN B 85 16.55 1.00 17.46
N LYS B 110 14.42 -7.05 23.76
CA LYS B 110 14.68 -7.40 22.37
C LYS B 110 13.70 -8.45 21.88
N ILE B 111 13.12 -8.20 20.71
CA ILE B 111 12.09 -9.08 20.12
C ILE B 111 12.70 -10.03 19.09
N SER B 112 12.42 -11.32 19.25
CA SER B 112 12.94 -12.34 18.35
C SER B 112 11.97 -12.66 17.22
N GLY B 113 10.67 -12.50 17.48
CA GLY B 113 9.62 -12.78 16.50
C GLY B 113 8.31 -12.10 16.84
N VAL B 114 7.55 -11.74 15.82
CA VAL B 114 6.26 -11.07 15.98
C VAL B 114 5.12 -11.94 15.47
N ILE B 115 4.06 -12.05 16.26
CA ILE B 115 2.87 -12.80 15.86
C ILE B 115 1.71 -11.85 15.60
N GLY B 116 1.24 -11.85 14.35
CA GLY B 116 0.20 -10.94 13.89
C GLY B 116 0.48 -10.41 12.49
N ALA B 117 -0.39 -9.55 11.97
CA ALA B 117 -1.59 -9.12 12.67
C ALA B 117 -2.84 -9.84 12.13
N ALA B 118 -4.01 -9.25 12.35
CA ALA B 118 -5.26 -9.81 11.87
C ALA B 118 -5.57 -9.34 10.44
N ALA B 119 -5.73 -8.02 10.27
CA ALA B 119 -6.01 -7.43 8.97
C ALA B 119 -4.77 -7.39 8.09
N SER B 120 -4.97 -7.60 6.79
CA SER B 120 -3.87 -7.65 5.83
C SER B 120 -3.15 -6.31 5.65
N SER B 121 -3.91 -5.23 5.57
CA SER B 121 -3.35 -3.88 5.45
C SER B 121 -2.50 -3.52 6.67
N VAL B 122 -2.87 -4.07 7.83
CA VAL B 122 -2.13 -3.89 9.08
C VAL B 122 -0.84 -4.72 9.04
N SER B 123 -0.95 -5.97 8.61
CA SER B 123 0.21 -6.86 8.50
C SER B 123 1.23 -6.41 7.47
N ILE B 124 0.75 -5.84 6.36
CA ILE B 124 1.61 -5.33 5.29
C ILE B 124 2.51 -4.19 5.76
N MET B 125 1.93 -3.22 6.48
CA MET B 125 2.66 -2.07 6.99
C MET B 125 3.68 -2.47 8.06
N VAL B 126 3.31 -3.47 8.87
CA VAL B 126 4.19 -4.02 9.90
C VAL B 126 5.35 -4.81 9.26
N ALA B 127 5.04 -5.57 8.22
CA ALA B 127 6.05 -6.38 7.52
C ALA B 127 7.10 -5.54 6.80
N ASN B 128 6.73 -4.31 6.42
CA ASN B 128 7.64 -3.38 5.75
C ASN B 128 8.77 -2.90 6.65
N ILE B 129 8.48 -2.71 7.93
CA ILE B 129 9.46 -2.22 8.90
C ILE B 129 10.21 -3.35 9.62
N LEU B 130 9.57 -4.52 9.74
CA LEU B 130 10.17 -5.66 10.40
C LEU B 130 11.29 -6.32 9.58
N ARG B 131 11.16 -6.27 8.26
CA ARG B 131 12.15 -6.87 7.36
C ARG B 131 13.50 -6.14 7.38
N LEU B 132 13.46 -4.84 7.68
CA LEU B 132 14.67 -4.02 7.75
C LEU B 132 15.50 -4.39 8.98
N PHE B 133 14.82 -4.76 10.06
CA PHE B 133 15.47 -5.18 11.30
C PHE B 133 15.48 -6.70 11.43
N LYS B 134 15.13 -7.38 10.34
CA LYS B 134 15.17 -8.84 10.23
C LYS B 134 14.44 -9.57 11.36
N ILE B 135 13.17 -9.20 11.58
CA ILE B 135 12.34 -9.86 12.59
C ILE B 135 11.25 -10.68 11.89
N PRO B 136 11.29 -12.02 12.05
CA PRO B 136 10.31 -12.93 11.46
C PRO B 136 8.89 -12.64 11.94
N GLN B 137 7.92 -12.86 11.06
CA GLN B 137 6.53 -12.56 11.34
C GLN B 137 5.62 -13.73 10.92
N ILE B 138 4.77 -14.16 11.84
CA ILE B 138 3.78 -15.20 11.54
C ILE B 138 2.37 -14.67 11.83
N SER B 139 1.54 -14.62 10.80
CA SER B 139 0.17 -14.11 10.93
C SER B 139 -0.85 -15.23 11.11
N TYR B 140 -1.96 -14.90 11.74
CA TYR B 140 -3.01 -15.86 12.07
C TYR B 140 -4.30 -15.63 11.27
N ALA B 141 -4.42 -14.48 10.62
CA ALA B 141 -5.65 -14.11 9.93
C ALA B 141 -5.47 -13.46 8.55
N SER B 142 -4.33 -12.81 8.33
CA SER B 142 -4.08 -12.08 7.08
C SER B 142 -3.98 -13.02 5.87
N THR B 143 -4.82 -12.77 4.87
CA THR B 143 -4.97 -13.68 3.73
C THR B 143 -4.69 -13.06 2.35
N ALA B 144 -4.31 -11.79 2.32
CA ALA B 144 -4.04 -11.09 1.06
C ALA B 144 -2.92 -11.75 0.26
N PRO B 145 -3.15 -12.01 -1.04
CA PRO B 145 -2.18 -12.65 -1.94
C PRO B 145 -0.85 -11.92 -2.05
N GLU B 146 -0.85 -10.60 -1.82
CA GLU B 146 0.37 -9.78 -1.91
C GLU B 146 1.45 -10.24 -0.92
N LEU B 147 1.01 -10.72 0.24
CA LEU B 147 1.90 -11.13 1.32
C LEU B 147 2.69 -12.41 1.01
N SER B 148 2.25 -13.14 0.00
CA SER B 148 2.95 -14.35 -0.44
C SER B 148 4.28 -14.05 -1.12
N ASP B 149 4.41 -12.83 -1.66
CA ASP B 149 5.61 -12.40 -2.38
C ASP B 149 6.87 -12.45 -1.52
N ASN B 150 7.85 -13.23 -1.98
CA ASN B 150 9.10 -13.46 -1.25
C ASN B 150 10.12 -12.34 -1.37
N THR B 151 9.91 -11.44 -2.33
CA THR B 151 10.81 -10.31 -2.53
C THR B 151 10.43 -9.13 -1.64
N ARG B 152 9.13 -8.81 -1.62
CA ARG B 152 8.61 -7.69 -0.82
C ARG B 152 8.56 -8.02 0.67
N TYR B 153 8.02 -9.20 1.00
CA TYR B 153 7.81 -9.60 2.38
C TYR B 153 8.53 -10.92 2.67
N ASP B 154 9.87 -10.85 2.68
CA ASP B 154 10.73 -12.02 2.84
C ASP B 154 10.70 -12.63 4.24
N PHE B 155 10.35 -11.83 5.24
CA PHE B 155 10.30 -12.30 6.63
C PHE B 155 8.87 -12.58 7.10
N PHE B 156 7.92 -12.53 6.18
CA PHE B 156 6.51 -12.78 6.50
C PHE B 156 6.11 -14.23 6.23
N SER B 157 5.36 -14.79 7.17
CA SER B 157 4.78 -16.13 7.05
C SER B 157 3.37 -16.12 7.64
N ARG B 158 2.56 -17.13 7.29
CA ARG B 158 1.20 -17.22 7.78
C ARG B 158 0.68 -18.65 7.85
N VAL B 159 -0.07 -18.95 8.90
CA VAL B 159 -0.68 -20.27 9.09
C VAL B 159 -2.05 -20.40 8.39
N VAL B 160 -2.42 -19.36 7.67
CA VAL B 160 -3.63 -19.36 6.84
C VAL B 160 -3.26 -19.23 5.35
N PRO B 161 -4.05 -19.86 4.46
CA PRO B 161 -3.77 -19.78 3.03
C PRO B 161 -4.12 -18.42 2.41
N PRO B 162 -3.48 -18.07 1.28
CA PRO B 162 -3.79 -16.82 0.56
C PRO B 162 -5.19 -16.82 -0.06
N ASP B 163 -5.69 -15.63 -0.40
CA ASP B 163 -7.04 -15.45 -0.94
C ASP B 163 -7.21 -15.97 -2.36
N SER B 164 -6.09 -16.27 -3.04
CA SER B 164 -6.12 -16.82 -4.39
C SER B 164 -6.88 -18.15 -4.45
N TYR B 165 -6.77 -18.93 -3.38
CA TYR B 165 -7.50 -20.19 -3.24
C TYR B 165 -8.92 -19.95 -2.76
N GLN B 166 -9.10 -18.93 -1.92
CA GLN B 166 -10.41 -18.58 -1.37
C GLN B 166 -11.34 -18.00 -2.43
N ALA B 167 -10.77 -17.24 -3.36
CA ALA B 167 -11.52 -16.68 -4.48
C ALA B 167 -11.94 -17.78 -5.45
N GLN B 168 -11.06 -18.76 -5.67
CA GLN B 168 -11.35 -19.91 -6.52
C GLN B 168 -12.45 -20.78 -5.91
N ALA B 169 -12.39 -20.95 -4.59
CA ALA B 169 -13.41 -21.69 -3.84
C ALA B 169 -14.78 -21.03 -3.96
N MET B 170 -14.78 -19.69 -3.94
CA MET B 170 -16.01 -18.90 -4.10
C MET B 170 -16.62 -19.06 -5.48
N VAL B 171 -15.78 -19.07 -6.51
CA VAL B 171 -16.23 -19.26 -7.90
C VAL B 171 -16.88 -20.64 -8.06
N ASP B 172 -16.26 -21.66 -7.46
CA ASP B 172 -16.79 -23.03 -7.49
C ASP B 172 -18.16 -23.15 -6.82
N ILE B 173 -18.31 -22.51 -5.66
CA ILE B 173 -19.57 -22.50 -4.91
C ILE B 173 -20.68 -21.78 -5.68
N VAL B 174 -20.32 -20.63 -6.26
CA VAL B 174 -21.25 -19.83 -7.07
C VAL B 174 -21.70 -20.57 -8.33
N THR B 175 -20.76 -21.28 -8.96
CA THR B 175 -21.05 -22.08 -10.16
C THR B 175 -21.94 -23.28 -9.85
N ALA B 176 -21.65 -23.96 -8.75
CA ALA B 176 -22.40 -25.15 -8.33
C ALA B 176 -23.85 -24.84 -7.93
N LEU B 177 -24.05 -23.65 -7.37
CA LEU B 177 -25.38 -23.21 -6.93
C LEU B 177 -26.21 -22.60 -8.07
N GLY B 178 -25.54 -22.32 -9.19
CA GLY B 178 -26.20 -21.78 -10.38
C GLY B 178 -26.51 -20.31 -10.26
N TRP B 179 -25.56 -19.54 -9.73
CA TRP B 179 -25.70 -18.10 -9.60
C TRP B 179 -24.79 -17.38 -10.60
N ASN B 180 -25.22 -17.37 -11.86
CA ASN B 180 -24.45 -16.78 -12.96
C ASN B 180 -24.27 -15.27 -12.88
N TYR B 181 -25.22 -14.58 -12.24
CA TYR B 181 -25.20 -13.13 -12.13
C TYR B 181 -24.99 -12.72 -10.67
N VAL B 182 -23.83 -12.16 -10.38
CA VAL B 182 -23.44 -11.82 -9.01
C VAL B 182 -22.94 -10.38 -8.85
N SER B 183 -22.95 -9.90 -7.60
CA SER B 183 -22.38 -8.60 -7.26
C SER B 183 -21.30 -8.76 -6.20
N THR B 184 -20.29 -7.90 -6.25
CA THR B 184 -19.18 -7.96 -5.30
C THR B 184 -19.19 -6.78 -4.32
N LEU B 185 -18.83 -7.08 -3.08
CA LEU B 185 -18.79 -6.07 -2.02
C LEU B 185 -17.44 -6.17 -1.31
N ALA B 186 -16.75 -5.03 -1.20
CA ALA B 186 -15.40 -5.00 -0.64
C ALA B 186 -15.21 -3.86 0.35
N SER B 187 -14.50 -4.14 1.44
CA SER B 187 -14.05 -3.11 2.37
C SER B 187 -12.76 -2.50 1.87
N GLU B 188 -12.63 -1.19 2.00
CA GLU B 188 -11.43 -0.47 1.57
C GLU B 188 -10.21 -0.97 2.33
N GLY B 189 -9.19 -1.36 1.57
CA GLY B 189 -7.99 -1.97 2.12
C GLY B 189 -7.52 -3.13 1.25
N ASN B 190 -6.36 -3.69 1.59
CA ASN B 190 -5.75 -4.75 0.80
C ASN B 190 -6.55 -6.06 0.77
N TYR B 191 -7.21 -6.37 1.87
CA TYR B 191 -7.96 -7.64 1.98
C TYR B 191 -9.23 -7.64 1.11
N GLY B 192 -10.01 -6.57 1.21
CA GLY B 192 -11.27 -6.46 0.47
C GLY B 192 -11.07 -6.32 -1.03
N GLU B 193 -10.21 -5.38 -1.41
CA GLU B 193 -9.98 -5.04 -2.82
C GLU B 193 -9.24 -6.12 -3.59
N SER B 194 -8.22 -6.71 -2.99
CA SER B 194 -7.45 -7.78 -3.61
C SER B 194 -8.20 -9.11 -3.61
N GLY B 195 -9.05 -9.30 -2.60
CA GLY B 195 -9.91 -10.48 -2.52
C GLY B 195 -10.96 -10.48 -3.61
N VAL B 196 -11.52 -9.30 -3.89
CA VAL B 196 -12.49 -9.11 -4.96
C VAL B 196 -11.81 -9.14 -6.33
N GLU B 197 -10.61 -8.54 -6.42
CA GLU B 197 -9.81 -8.56 -7.64
C GLU B 197 -9.51 -9.99 -8.07
N ALA B 198 -9.08 -10.82 -7.13
CA ALA B 198 -8.80 -12.23 -7.37
C ALA B 198 -10.04 -12.98 -7.85
N PHE B 199 -11.19 -12.67 -7.24
CA PHE B 199 -12.47 -13.24 -7.63
C PHE B 199 -12.86 -12.80 -9.05
N THR B 200 -12.64 -11.52 -9.35
CA THR B 200 -12.96 -10.94 -10.66
C THR B 200 -12.09 -11.52 -11.77
N GLN B 201 -10.81 -11.75 -11.47
CA GLN B 201 -9.87 -12.33 -12.43
C GLN B 201 -10.26 -13.74 -12.86
N ILE B 202 -10.66 -14.56 -11.90
CA ILE B 202 -11.11 -15.93 -12.16
C ILE B 202 -12.48 -15.93 -12.84
N SER B 203 -13.33 -14.99 -12.45
CA SER B 203 -14.66 -14.83 -13.04
C SER B 203 -14.59 -14.29 -14.49
N ARG B 204 -13.55 -13.53 -14.78
CA ARG B 204 -13.32 -12.98 -16.12
C ARG B 204 -12.88 -14.09 -17.09
N GLU B 205 -12.13 -15.06 -16.58
CA GLU B 205 -11.67 -16.19 -17.37
C GLU B 205 -12.78 -17.23 -17.59
N ILE B 206 -13.52 -17.54 -16.53
CA ILE B 206 -14.62 -18.50 -16.60
C ILE B 206 -15.88 -17.86 -17.23
N GLY B 207 -16.78 -18.70 -17.75
CA GLY B 207 -18.00 -18.22 -18.40
C GLY B 207 -19.26 -18.37 -17.56
N GLY B 208 -19.20 -19.26 -16.57
CA GLY B 208 -20.34 -19.55 -15.71
C GLY B 208 -20.68 -18.44 -14.73
N VAL B 209 -19.71 -17.58 -14.43
CA VAL B 209 -19.90 -16.49 -13.47
C VAL B 209 -19.70 -15.13 -14.15
N SER B 210 -20.66 -14.24 -13.94
CA SER B 210 -20.62 -12.89 -14.49
C SER B 210 -20.94 -11.86 -13.40
N ILE B 211 -20.15 -10.79 -13.35
CA ILE B 211 -20.30 -9.77 -12.31
C ILE B 211 -21.10 -8.57 -12.80
N ALA B 212 -22.16 -8.24 -12.07
CA ALA B 212 -23.02 -7.09 -12.38
C ALA B 212 -22.37 -5.77 -12.03
N GLN B 213 -21.91 -5.66 -10.78
CA GLN B 213 -21.29 -4.43 -10.27
C GLN B 213 -20.29 -4.70 -9.15
N SER B 214 -19.35 -3.78 -8.98
CA SER B 214 -18.37 -3.86 -7.90
C SER B 214 -18.48 -2.67 -6.97
N GLN B 215 -19.03 -2.92 -5.77
CA GLN B 215 -19.19 -1.89 -4.75
C GLN B 215 -18.01 -1.90 -3.79
N LYS B 216 -17.65 -0.73 -3.29
CA LYS B 216 -16.56 -0.59 -2.33
C LYS B 216 -17.00 0.22 -1.11
N ILE B 217 -16.97 -0.41 0.06
CA ILE B 217 -17.31 0.24 1.32
C ILE B 217 -16.12 1.09 1.76
N PRO B 218 -16.34 2.42 1.94
CA PRO B 218 -15.28 3.35 2.33
C PRO B 218 -14.70 3.04 3.72
N ARG B 219 -13.42 3.34 3.89
CA ARG B 219 -12.71 3.12 5.15
C ARG B 219 -13.28 4.01 6.27
N GLU B 220 -13.61 5.25 5.90
CA GLU B 220 -14.28 6.18 6.81
C GLU B 220 -15.66 6.53 6.24
N PRO B 221 -16.67 5.69 6.54
CA PRO B 221 -18.00 5.84 5.94
C PRO B 221 -18.82 6.97 6.56
N ARG B 222 -19.46 7.77 5.71
CA ARG B 222 -20.37 8.83 6.14
C ARG B 222 -21.69 8.23 6.61
N PRO B 223 -22.50 9.00 7.37
CA PRO B 223 -23.83 8.51 7.77
C PRO B 223 -24.76 8.28 6.59
N GLY B 224 -25.44 7.13 6.58
CA GLY B 224 -26.36 6.78 5.50
C GLY B 224 -25.70 6.12 4.31
N GLU B 225 -24.44 5.75 4.45
CA GLU B 225 -23.66 5.12 3.38
C GLU B 225 -24.11 3.70 3.09
N PHE B 226 -24.32 2.92 4.16
CA PHE B 226 -24.67 1.50 4.04
C PHE B 226 -26.05 1.29 3.41
N GLU B 227 -26.97 2.23 3.62
CA GLU B 227 -28.29 2.18 3.00
C GLU B 227 -28.21 2.50 1.50
N LYS B 228 -27.28 3.38 1.14
CA LYS B 228 -27.02 3.71 -0.26
C LYS B 228 -26.44 2.53 -1.04
N ILE B 229 -25.57 1.77 -0.36
CA ILE B 229 -24.94 0.58 -0.96
C ILE B 229 -25.99 -0.47 -1.31
N ILE B 230 -26.93 -0.71 -0.40
CA ILE B 230 -28.03 -1.66 -0.61
C ILE B 230 -28.90 -1.22 -1.80
N LYS B 231 -29.18 0.08 -1.89
CA LYS B 231 -29.95 0.65 -2.99
C LYS B 231 -29.26 0.48 -4.35
N ARG B 232 -27.94 0.60 -4.35
CA ARG B 232 -27.12 0.43 -5.55
C ARG B 232 -27.13 -1.02 -6.04
N LEU B 233 -27.17 -1.96 -5.09
CA LEU B 233 -27.27 -3.38 -5.40
C LEU B 233 -28.65 -3.72 -5.95
N LEU B 234 -29.65 -2.93 -5.56
CA LEU B 234 -31.02 -3.11 -6.02
C LEU B 234 -31.27 -2.52 -7.41
N GLU B 235 -30.27 -1.80 -7.93
CA GLU B 235 -30.31 -1.29 -9.30
C GLU B 235 -30.23 -2.45 -10.29
N THR B 236 -29.59 -3.53 -9.86
CA THR B 236 -29.56 -4.79 -10.63
C THR B 236 -30.21 -5.89 -9.78
N PRO B 237 -31.56 -5.99 -9.84
CA PRO B 237 -32.32 -6.93 -9.00
C PRO B 237 -32.11 -8.40 -9.34
N ASN B 238 -31.68 -8.69 -10.57
CA ASN B 238 -31.36 -10.05 -10.99
C ASN B 238 -30.11 -10.59 -10.32
N ALA B 239 -29.19 -9.70 -9.97
CA ALA B 239 -28.00 -10.05 -9.21
C ALA B 239 -28.35 -10.12 -7.72
N ARG B 240 -28.92 -11.26 -7.31
CA ARG B 240 -29.33 -11.48 -5.94
C ARG B 240 -28.15 -11.87 -5.06
N ALA B 241 -27.22 -12.62 -5.63
CA ALA B 241 -26.05 -13.12 -4.90
C ALA B 241 -24.99 -12.03 -4.75
N VAL B 242 -24.53 -11.85 -3.51
CA VAL B 242 -23.51 -10.85 -3.20
C VAL B 242 -22.30 -11.51 -2.53
N ILE B 243 -21.14 -11.40 -3.19
CA ILE B 243 -19.87 -11.88 -2.63
C ILE B 243 -19.24 -10.77 -1.79
N MET B 244 -18.97 -11.08 -0.52
CA MET B 244 -18.51 -10.08 0.44
C MET B 244 -17.11 -10.30 0.97
N PHE B 245 -16.25 -9.30 0.77
CA PHE B 245 -14.94 -9.24 1.40
C PHE B 245 -14.91 -8.02 2.32
N ALA B 246 -15.57 -8.15 3.47
CA ALA B 246 -15.72 -7.03 4.41
C ALA B 246 -15.44 -7.46 5.85
N ASN B 247 -14.97 -6.52 6.67
CA ASN B 247 -14.69 -6.77 8.08
C ASN B 247 -15.96 -6.96 8.93
N GLU B 248 -15.77 -7.42 10.17
CA GLU B 248 -16.88 -7.70 11.10
C GLU B 248 -17.88 -6.55 11.24
N ASP B 249 -17.35 -5.33 11.40
CA ASP B 249 -18.19 -4.15 11.59
C ASP B 249 -18.93 -3.74 10.31
N ASP B 250 -18.31 -4.01 9.16
CA ASP B 250 -18.89 -3.66 7.86
C ASP B 250 -20.02 -4.60 7.45
N ILE B 251 -19.87 -5.90 7.72
CA ILE B 251 -20.90 -6.88 7.43
C ILE B 251 -22.16 -6.61 8.27
N ARG B 252 -21.95 -6.32 9.55
CA ARG B 252 -23.04 -6.02 10.48
C ARG B 252 -23.90 -4.87 9.97
N ARG B 253 -23.26 -3.78 9.55
CA ARG B 253 -23.95 -2.58 9.09
C ARG B 253 -24.58 -2.73 7.70
N ILE B 254 -24.02 -3.63 6.89
CA ILE B 254 -24.62 -4.00 5.60
C ILE B 254 -25.92 -4.78 5.83
N LEU B 255 -25.87 -5.73 6.76
CA LEU B 255 -27.04 -6.52 7.15
C LEU B 255 -28.07 -5.68 7.88
N GLU B 256 -27.59 -4.66 8.61
CA GLU B 256 -28.44 -3.72 9.33
C GLU B 256 -29.27 -2.88 8.37
N ALA B 257 -28.63 -2.40 7.30
CA ALA B 257 -29.30 -1.60 6.28
C ALA B 257 -30.26 -2.44 5.43
N ALA B 258 -29.88 -3.70 5.20
CA ALA B 258 -30.70 -4.64 4.43
C ALA B 258 -31.98 -5.02 5.20
N LYS B 259 -31.85 -5.14 6.53
CA LYS B 259 -32.99 -5.39 7.40
C LYS B 259 -33.89 -4.15 7.47
N LYS B 260 -33.25 -2.98 7.48
CA LYS B 260 -33.92 -1.69 7.53
C LYS B 260 -34.81 -1.46 6.30
N LEU B 261 -34.33 -1.90 5.13
CA LEU B 261 -35.07 -1.75 3.88
C LEU B 261 -35.83 -3.03 3.50
N ASN B 262 -36.07 -3.88 4.49
CA ASN B 262 -36.86 -5.12 4.35
C ASN B 262 -36.42 -6.03 3.20
N GLN B 263 -35.10 -6.16 3.02
CA GLN B 263 -34.54 -6.97 1.95
C GLN B 263 -34.14 -8.36 2.44
N SER B 264 -35.08 -9.04 3.07
CA SER B 264 -34.84 -10.33 3.72
C SER B 264 -34.55 -11.47 2.73
N GLY B 265 -35.56 -11.81 1.93
CA GLY B 265 -35.46 -12.94 1.01
C GLY B 265 -34.82 -12.63 -0.33
N HIS B 266 -34.54 -11.34 -0.57
CA HIS B 266 -33.98 -10.90 -1.84
C HIS B 266 -32.51 -11.29 -2.02
N PHE B 267 -31.66 -10.88 -1.07
CA PHE B 267 -30.22 -11.07 -1.19
C PHE B 267 -29.76 -12.47 -0.78
N LEU B 268 -28.76 -12.97 -1.51
CA LEU B 268 -28.09 -14.23 -1.19
C LEU B 268 -26.65 -13.91 -0.84
N TRP B 269 -26.28 -14.15 0.41
CA TRP B 269 -24.98 -13.72 0.92
C TRP B 269 -23.88 -14.76 0.74
N ILE B 270 -22.74 -14.31 0.21
CA ILE B 270 -21.52 -15.11 0.15
C ILE B 270 -20.45 -14.41 1.00
N GLY B 271 -20.08 -15.04 2.10
CA GLY B 271 -19.14 -14.46 3.04
C GLY B 271 -17.75 -15.08 2.98
N SER B 272 -16.74 -14.22 3.09
CA SER B 272 -15.34 -14.66 3.11
C SER B 272 -14.93 -15.08 4.53
N ASP B 273 -13.63 -15.26 4.75
CA ASP B 273 -13.10 -15.70 6.05
C ASP B 273 -13.35 -14.68 7.17
N SER B 274 -13.51 -13.42 6.79
CA SER B 274 -13.83 -12.34 7.73
C SER B 274 -15.27 -12.46 8.27
N TRP B 275 -16.13 -13.13 7.51
CA TRP B 275 -17.46 -13.49 7.99
C TRP B 275 -17.34 -14.80 8.79
N GLY B 276 -16.93 -15.86 8.11
CA GLY B 276 -16.70 -17.17 8.74
C GLY B 276 -17.89 -17.72 9.48
N SER B 277 -17.64 -18.12 10.73
CA SER B 277 -18.69 -18.63 11.61
C SER B 277 -18.89 -17.72 12.82
N LYS B 278 -18.63 -16.43 12.63
CA LYS B 278 -18.70 -15.43 13.71
C LYS B 278 -20.14 -15.05 14.03
N ILE B 279 -20.38 -14.69 15.28
CA ILE B 279 -21.71 -14.27 15.74
C ILE B 279 -21.86 -12.75 15.76
N ALA B 280 -20.74 -12.04 15.77
CA ALA B 280 -20.71 -10.58 15.83
C ALA B 280 -21.42 -9.86 14.67
N PRO B 281 -21.26 -10.35 13.42
CA PRO B 281 -22.00 -9.69 12.34
C PRO B 281 -23.48 -10.07 12.26
N VAL B 282 -23.86 -11.20 12.87
CA VAL B 282 -25.22 -11.73 12.76
C VAL B 282 -26.05 -11.61 14.05
N TYR B 283 -25.48 -10.97 15.06
CA TYR B 283 -26.16 -10.80 16.36
C TYR B 283 -27.38 -9.88 16.24
N GLN B 284 -28.52 -10.39 16.73
CA GLN B 284 -29.82 -9.69 16.67
C GLN B 284 -30.30 -9.40 15.24
N GLN B 285 -29.64 -10.03 14.27
CA GLN B 285 -29.98 -9.89 12.85
C GLN B 285 -29.96 -11.26 12.18
N GLU B 286 -30.62 -12.22 12.82
CA GLU B 286 -30.61 -13.61 12.38
C GLU B 286 -31.42 -13.82 11.10
N GLU B 287 -32.57 -13.14 11.01
CA GLU B 287 -33.50 -13.28 9.89
C GLU B 287 -32.93 -12.82 8.56
N ILE B 288 -32.13 -11.75 8.59
CA ILE B 288 -31.55 -11.16 7.38
C ILE B 288 -30.36 -11.98 6.85
N ALA B 289 -29.70 -12.72 7.75
CA ALA B 289 -28.51 -13.49 7.40
C ALA B 289 -28.79 -14.98 7.14
N GLU B 290 -30.06 -15.31 6.98
CA GLU B 290 -30.47 -16.71 6.77
C GLU B 290 -30.03 -17.22 5.41
N GLY B 291 -29.47 -18.44 5.39
CA GLY B 291 -29.05 -19.10 4.16
C GLY B 291 -27.75 -18.58 3.58
N ALA B 292 -27.02 -17.79 4.37
CA ALA B 292 -25.74 -17.22 3.95
C ALA B 292 -24.65 -18.29 3.90
N VAL B 293 -24.02 -18.42 2.73
CA VAL B 293 -22.93 -19.37 2.54
C VAL B 293 -21.60 -18.68 2.84
N THR B 294 -20.91 -19.17 3.87
CA THR B 294 -19.65 -18.56 4.31
C THR B 294 -18.48 -19.54 4.25
N ILE B 295 -17.28 -19.00 4.06
CA ILE B 295 -16.06 -19.79 3.98
C ILE B 295 -15.11 -19.44 5.13
N LEU B 296 -14.34 -20.42 5.57
CA LEU B 296 -13.33 -20.25 6.62
C LEU B 296 -12.24 -21.31 6.43
N PRO B 297 -10.97 -20.94 6.64
CA PRO B 297 -9.88 -21.93 6.57
C PRO B 297 -10.10 -23.08 7.56
N LYS B 298 -9.77 -24.30 7.14
CA LYS B 298 -10.02 -25.49 7.94
C LYS B 298 -9.50 -25.39 9.36
N ARG B 299 -10.42 -25.47 10.32
CA ARG B 299 -10.10 -25.33 11.73
C ARG B 299 -11.02 -26.19 12.60
N ALA B 300 -10.60 -26.39 13.86
CA ALA B 300 -11.41 -27.09 14.85
C ALA B 300 -11.43 -26.30 16.16
N SER B 301 -12.49 -26.47 16.93
CA SER B 301 -12.61 -25.85 18.25
C SER B 301 -11.73 -26.60 19.25
N ILE B 302 -10.87 -25.87 19.95
CA ILE B 302 -9.93 -26.46 20.90
C ILE B 302 -10.52 -26.47 22.31
N ASP B 303 -10.60 -27.66 22.90
CA ASP B 303 -11.15 -27.83 24.25
C ASP B 303 -10.23 -27.26 25.33
N GLY B 304 -8.92 -27.29 25.08
CA GLY B 304 -7.92 -26.79 26.02
C GLY B 304 -8.04 -25.30 26.30
N PHE B 305 -8.34 -24.53 25.26
CA PHE B 305 -8.51 -23.08 25.38
C PHE B 305 -9.81 -22.71 26.10
N ASP B 306 -10.88 -23.47 25.81
CA ASP B 306 -12.19 -23.24 26.41
C ASP B 306 -12.18 -23.40 27.92
N ARG B 307 -11.47 -24.42 28.40
CA ARG B 307 -11.32 -24.66 29.83
C ARG B 307 -10.50 -23.54 30.49
N TYR B 308 -9.54 -23.01 29.75
CA TYR B 308 -8.70 -21.90 30.21
C TYR B 308 -9.46 -20.58 30.25
N PHE B 309 -10.22 -20.29 29.19
CA PHE B 309 -10.90 -19.01 29.05
C PHE B 309 -12.12 -18.87 29.98
N ARG B 310 -12.79 -19.98 30.26
CA ARG B 310 -13.94 -19.99 31.17
C ARG B 310 -13.52 -19.72 32.62
N SER B 311 -12.28 -20.08 32.95
CA SER B 311 -11.73 -19.89 34.29
C SER B 311 -11.09 -18.51 34.48
N ARG B 312 -11.05 -17.71 33.42
CA ARG B 312 -10.51 -16.36 33.49
C ARG B 312 -11.50 -15.40 34.15
N THR B 313 -11.05 -14.77 35.24
CA THR B 313 -11.89 -13.84 36.01
C THR B 313 -11.17 -12.50 36.18
N LEU B 314 -11.86 -11.53 36.77
CA LEU B 314 -11.26 -10.24 37.10
C LEU B 314 -10.13 -10.37 38.13
N ALA B 315 -10.30 -11.32 39.04
CA ALA B 315 -9.36 -11.53 40.14
C ALA B 315 -8.03 -12.15 39.69
N ASN B 316 -8.10 -13.22 38.91
CA ASN B 316 -6.90 -13.97 38.51
C ASN B 316 -6.21 -13.48 37.24
N ASN B 317 -6.95 -12.80 36.37
CA ASN B 317 -6.40 -12.30 35.11
C ASN B 317 -6.09 -10.81 35.15
N ARG B 318 -5.09 -10.44 35.94
CA ARG B 318 -4.57 -9.08 35.96
C ARG B 318 -3.55 -8.88 34.84
N ARG B 319 -3.08 -10.01 34.29
CA ARG B 319 -2.13 -10.03 33.18
C ARG B 319 -2.66 -9.27 31.97
N ASN B 320 -3.91 -9.56 31.61
CA ASN B 320 -4.58 -8.87 30.51
C ASN B 320 -5.10 -7.51 30.96
N VAL B 321 -4.49 -6.45 30.43
CA VAL B 321 -4.80 -5.08 30.83
C VAL B 321 -6.16 -4.59 30.32
N TRP B 322 -6.65 -5.22 29.25
CA TRP B 322 -7.94 -4.86 28.65
C TRP B 322 -9.10 -5.70 29.17
N PHE B 323 -8.80 -6.64 30.07
CA PHE B 323 -9.79 -7.59 30.57
C PHE B 323 -10.86 -6.94 31.45
N ALA B 324 -10.51 -5.82 32.08
CA ALA B 324 -11.47 -5.05 32.89
C ALA B 324 -12.50 -4.36 32.00
N GLU B 325 -12.07 -3.92 30.82
CA GLU B 325 -12.97 -3.31 29.83
C GLU B 325 -13.81 -4.38 29.15
N PHE B 326 -13.22 -5.56 28.93
CA PHE B 326 -13.93 -6.70 28.34
C PHE B 326 -15.04 -7.20 29.26
N TRP B 327 -14.78 -7.19 30.56
CA TRP B 327 -15.73 -7.65 31.58
C TRP B 327 -17.02 -6.83 31.55
N GLU B 328 -16.89 -5.52 31.36
CA GLU B 328 -18.02 -4.60 31.26
C GLU B 328 -18.84 -4.86 29.99
N GLU B 329 -18.15 -5.18 28.91
CA GLU B 329 -18.79 -5.38 27.61
C GLU B 329 -19.45 -6.76 27.49
N ASN B 330 -18.84 -7.75 28.11
CA ASN B 330 -19.32 -9.14 28.02
C ASN B 330 -20.58 -9.42 28.85
N PHE B 331 -20.62 -8.86 30.06
CA PHE B 331 -21.73 -9.12 30.99
C PHE B 331 -22.74 -7.97 31.04
N GLY B 332 -22.35 -6.81 30.52
CA GLY B 332 -23.23 -5.64 30.47
C GLY B 332 -23.43 -4.97 31.81
N CYS B 333 -22.32 -4.54 32.41
CA CYS B 333 -22.35 -3.87 33.71
C CYS B 333 -21.23 -2.84 33.85
N LYS B 334 -21.17 -2.19 35.02
CA LYS B 334 -20.16 -1.16 35.31
C LYS B 334 -19.38 -1.51 36.58
N LEU B 335 -18.07 -1.26 36.55
CA LEU B 335 -17.22 -1.49 37.71
C LEU B 335 -17.28 -0.32 38.70
N LYS B 347 -22.13 -1.94 39.29
CA LYS B 347 -23.09 -2.93 38.82
C LYS B 347 -22.49 -4.34 38.74
N CYS B 348 -21.23 -4.43 38.29
CA CYS B 348 -20.53 -5.71 38.22
C CYS B 348 -20.18 -6.21 39.62
N THR B 349 -20.48 -7.49 39.87
CA THR B 349 -20.21 -8.11 41.17
C THR B 349 -18.79 -8.69 41.23
N GLY B 350 -18.32 -9.20 40.11
CA GLY B 350 -17.03 -9.89 40.05
C GLY B 350 -17.20 -11.40 40.09
N LEU B 351 -18.38 -11.84 40.52
CA LEU B 351 -18.70 -13.26 40.64
C LEU B 351 -19.25 -13.85 39.34
N GLU B 352 -19.34 -13.03 38.30
CA GLU B 352 -19.81 -13.45 36.98
C GLU B 352 -18.83 -14.46 36.36
N ARG B 353 -19.35 -15.36 35.54
CA ARG B 353 -18.54 -16.36 34.87
C ARG B 353 -18.82 -16.42 33.37
N ILE B 354 -17.74 -16.52 32.59
CA ILE B 354 -17.82 -16.64 31.13
C ILE B 354 -18.45 -17.99 30.76
N ALA B 355 -19.33 -17.95 29.76
CA ALA B 355 -20.11 -19.12 29.29
C ALA B 355 -21.34 -19.44 30.15
N ARG B 356 -21.22 -19.20 31.46
CA ARG B 356 -22.31 -19.47 32.40
C ARG B 356 -23.32 -18.33 32.47
N ASP B 357 -22.81 -17.10 32.57
CA ASP B 357 -23.66 -15.91 32.69
C ASP B 357 -23.95 -15.24 31.35
N SER B 358 -22.95 -15.25 30.46
CA SER B 358 -23.08 -14.67 29.13
C SER B 358 -22.88 -15.72 28.05
N SER B 359 -23.42 -15.45 26.86
CA SER B 359 -23.28 -16.34 25.71
C SER B 359 -21.84 -16.32 25.18
N TYR B 360 -21.24 -17.51 25.10
CA TYR B 360 -19.85 -17.64 24.68
C TYR B 360 -19.63 -18.78 23.69
N GLU B 361 -18.81 -18.51 22.68
CA GLU B 361 -18.31 -19.52 21.76
C GLU B 361 -16.93 -19.12 21.26
N GLN B 362 -16.01 -20.08 21.23
CA GLN B 362 -14.63 -19.84 20.78
C GLN B 362 -14.59 -19.24 19.38
N GLU B 363 -13.78 -18.19 19.22
CA GLU B 363 -13.64 -17.50 17.94
C GLU B 363 -12.99 -18.43 16.90
N GLY B 364 -13.44 -18.32 15.66
CA GLY B 364 -13.04 -19.22 14.57
C GLY B 364 -11.55 -19.33 14.29
N LYS B 365 -10.79 -18.27 14.58
CA LYS B 365 -9.37 -18.25 14.26
C LYS B 365 -8.46 -18.38 15.49
N VAL B 366 -9.02 -18.87 16.59
CA VAL B 366 -8.26 -19.11 17.83
C VAL B 366 -7.17 -20.17 17.62
N GLN B 367 -7.51 -21.22 16.87
CA GLN B 367 -6.55 -22.27 16.53
C GLN B 367 -5.31 -21.72 15.83
N PHE B 368 -5.53 -20.81 14.88
CA PHE B 368 -4.45 -20.24 14.08
C PHE B 368 -3.52 -19.34 14.90
N VAL B 369 -4.06 -18.68 15.91
CA VAL B 369 -3.25 -17.89 16.83
C VAL B 369 -2.33 -18.80 17.64
N ILE B 370 -2.90 -19.88 18.18
CA ILE B 370 -2.15 -20.86 18.97
C ILE B 370 -1.10 -21.59 18.12
N ASP B 371 -1.49 -21.97 16.90
CA ASP B 371 -0.58 -22.64 15.97
C ASP B 371 0.54 -21.72 15.46
N ALA B 372 0.30 -20.42 15.50
CA ALA B 372 1.33 -19.43 15.14
C ALA B 372 2.41 -19.32 16.20
N VAL B 373 2.02 -19.46 17.48
CA VAL B 373 2.94 -19.42 18.60
C VAL B 373 3.78 -20.71 18.66
N TYR B 374 3.12 -21.85 18.45
CA TYR B 374 3.79 -23.15 18.41
C TYR B 374 4.76 -23.29 17.24
N SER B 375 4.43 -22.64 16.13
CA SER B 375 5.31 -22.59 14.96
C SER B 375 6.60 -21.81 15.28
N MET B 376 6.45 -20.78 16.10
CA MET B 376 7.59 -19.99 16.58
C MET B 376 8.37 -20.78 17.64
N ALA B 377 7.64 -21.50 18.49
CA ALA B 377 8.24 -22.27 19.58
C ALA B 377 9.05 -23.46 19.09
N TYR B 378 8.51 -24.22 18.14
CA TYR B 378 9.19 -25.37 17.55
C TYR B 378 10.41 -24.96 16.74
N ALA B 379 10.34 -23.79 16.10
CA ALA B 379 11.46 -23.24 15.34
C ALA B 379 12.62 -22.85 16.25
N LEU B 380 12.29 -22.30 17.42
CA LEU B 380 13.29 -21.98 18.44
C LEU B 380 13.82 -23.24 19.11
N HIS B 381 12.98 -24.26 19.20
CA HIS B 381 13.36 -25.56 19.77
C HIS B 381 14.33 -26.30 18.85
N ASN B 382 14.07 -26.24 17.54
CA ASN B 382 14.93 -26.87 16.54
C ASN B 382 16.26 -26.14 16.36
N MET B 383 16.24 -24.82 16.57
CA MET B 383 17.44 -24.01 16.52
C MET B 383 18.30 -24.24 17.77
N HIS B 384 17.63 -24.54 18.88
CA HIS B 384 18.30 -24.85 20.14
C HIS B 384 19.08 -26.16 20.07
N LYS B 385 18.53 -27.14 19.35
CA LYS B 385 19.18 -28.45 19.20
C LYS B 385 20.45 -28.40 18.37
N ASP B 386 20.50 -27.47 17.42
CA ASP B 386 21.64 -27.33 16.51
C ASP B 386 22.76 -26.44 17.08
N LEU B 387 22.37 -25.43 17.85
CA LEU B 387 23.34 -24.48 18.41
C LEU B 387 23.82 -24.88 19.80
N CYS B 388 22.92 -25.46 20.60
CA CYS B 388 23.28 -25.95 21.94
C CYS B 388 23.20 -27.48 21.96
N PRO B 389 24.37 -28.14 21.92
CA PRO B 389 24.48 -29.60 21.77
C PRO B 389 23.67 -30.40 22.79
N GLY B 390 23.98 -30.25 24.07
CA GLY B 390 23.30 -31.02 25.11
C GLY B 390 22.88 -30.20 26.33
N TYR B 391 22.84 -28.89 26.17
CA TYR B 391 22.45 -27.98 27.24
C TYR B 391 20.94 -27.95 27.44
N ILE B 392 20.51 -27.96 28.70
CA ILE B 392 19.09 -27.84 29.04
C ILE B 392 18.81 -26.39 29.42
N GLY B 393 18.74 -25.54 28.39
CA GLY B 393 18.58 -24.09 28.57
C GLY B 393 19.34 -23.31 27.53
N LEU B 394 19.52 -22.01 27.77
CA LEU B 394 20.21 -21.14 26.82
C LEU B 394 21.73 -21.32 26.91
N CYS B 395 22.34 -21.64 25.77
CA CYS B 395 23.79 -21.78 25.68
C CYS B 395 24.44 -20.44 25.28
N PRO B 396 25.76 -20.29 25.49
CA PRO B 396 26.48 -19.06 25.11
C PRO B 396 26.31 -18.67 23.64
N ARG B 397 26.06 -19.64 22.77
CA ARG B 397 25.83 -19.38 21.34
C ARG B 397 24.41 -18.87 21.11
N MET B 398 23.51 -19.18 22.03
CA MET B 398 22.10 -18.76 21.95
C MET B 398 21.88 -17.41 22.64
N SER B 399 22.93 -16.57 22.64
CA SER B 399 22.86 -15.24 23.26
C SER B 399 22.00 -14.28 22.44
N THR B 400 22.28 -14.20 21.14
CA THR B 400 21.51 -13.37 20.22
C THR B 400 20.83 -14.23 19.17
N ILE B 401 19.54 -13.97 18.96
CA ILE B 401 18.74 -14.71 17.99
C ILE B 401 18.81 -14.05 16.62
N ASP B 402 19.43 -14.75 15.67
CA ASP B 402 19.54 -14.27 14.29
C ASP B 402 18.21 -14.47 13.57
N GLY B 403 17.68 -13.38 13.00
CA GLY B 403 16.38 -13.39 12.33
C GLY B 403 16.34 -14.21 11.05
N LYS B 404 17.40 -14.11 10.26
CA LYS B 404 17.52 -14.85 9.00
C LYS B 404 17.66 -16.35 9.26
N GLU B 405 18.39 -16.69 10.32
CA GLU B 405 18.59 -18.09 10.72
C GLU B 405 17.30 -18.70 11.29
N LEU B 406 16.57 -17.91 12.08
CA LEU B 406 15.30 -18.33 12.67
C LEU B 406 14.22 -18.51 11.60
N LEU B 407 14.25 -17.67 10.57
CA LEU B 407 13.31 -17.75 9.46
C LEU B 407 13.36 -19.10 8.75
N GLY B 408 14.56 -19.66 8.63
CA GLY B 408 14.77 -20.98 8.03
C GLY B 408 14.15 -22.11 8.83
N TYR B 409 14.17 -21.98 10.15
CA TYR B 409 13.58 -22.98 11.04
C TYR B 409 12.06 -22.87 11.10
N ILE B 410 11.54 -21.67 10.84
CA ILE B 410 10.09 -21.44 10.75
C ILE B 410 9.51 -22.08 9.48
N ARG B 411 10.23 -21.93 8.38
CA ARG B 411 9.78 -22.44 7.08
C ARG B 411 9.89 -23.96 6.96
N ALA B 412 10.81 -24.55 7.71
CA ALA B 412 11.06 -25.99 7.65
C ALA B 412 10.35 -26.77 8.75
N VAL B 413 9.50 -26.09 9.53
CA VAL B 413 8.81 -26.71 10.66
C VAL B 413 7.69 -27.66 10.20
N ASN B 414 7.54 -28.77 10.94
CA ASN B 414 6.52 -29.77 10.64
C ASN B 414 6.08 -30.50 11.92
N PHE B 415 4.88 -30.16 12.38
CA PHE B 415 4.33 -30.71 13.63
C PHE B 415 2.81 -30.77 13.61
N ASN B 416 2.24 -31.69 14.39
CA ASN B 416 0.81 -31.74 14.61
C ASN B 416 0.39 -30.62 15.57
N GLY B 417 -0.51 -29.76 15.10
CA GLY B 417 -0.91 -28.57 15.84
C GLY B 417 -1.83 -28.81 17.02
N SER B 418 -2.48 -27.75 17.47
CA SER B 418 -3.37 -27.78 18.63
C SER B 418 -4.66 -28.54 18.40
N ALA B 419 -5.06 -28.66 17.13
CA ALA B 419 -6.29 -29.38 16.77
C ALA B 419 -6.02 -30.81 16.31
N GLY B 420 -4.74 -31.16 16.19
CA GLY B 420 -4.34 -32.48 15.71
C GLY B 420 -3.93 -32.46 14.25
N THR B 421 -4.37 -31.43 13.52
CA THR B 421 -4.03 -31.24 12.12
C THR B 421 -2.60 -30.74 11.96
N PRO B 422 -1.89 -31.20 10.91
CA PRO B 422 -0.50 -30.79 10.68
C PRO B 422 -0.35 -29.30 10.32
N VAL B 423 0.70 -28.69 10.83
CA VAL B 423 1.02 -27.30 10.52
C VAL B 423 2.33 -27.23 9.73
N THR B 424 2.25 -26.69 8.52
CA THR B 424 3.40 -26.63 7.62
C THR B 424 3.41 -25.36 6.75
N PHE B 425 4.60 -25.03 6.23
CA PHE B 425 4.77 -23.88 5.35
C PHE B 425 5.42 -24.31 4.03
N ASN B 426 5.00 -23.67 2.93
CA ASN B 426 5.59 -23.93 1.62
C ASN B 426 6.78 -23.00 1.33
N GLU B 427 7.21 -22.97 0.06
CA GLU B 427 8.31 -22.12 -0.37
C GLU B 427 8.04 -20.63 -0.15
N ASN B 428 6.78 -20.24 -0.32
CA ASN B 428 6.36 -18.85 -0.14
C ASN B 428 6.13 -18.48 1.33
N GLY B 429 5.90 -19.50 2.16
CA GLY B 429 5.62 -19.30 3.58
C GLY B 429 4.13 -19.30 3.89
N ASP B 430 3.37 -20.03 3.09
CA ASP B 430 1.91 -20.10 3.22
C ASP B 430 1.45 -21.50 3.61
N ALA B 431 0.26 -21.56 4.24
CA ALA B 431 -0.41 -22.82 4.52
C ALA B 431 -1.21 -23.26 3.29
N PRO B 432 -1.45 -24.58 3.15
CA PRO B 432 -2.21 -25.09 2.00
C PRO B 432 -3.65 -24.55 1.95
N GLY B 433 -4.18 -24.41 0.74
CA GLY B 433 -5.52 -23.89 0.52
C GLY B 433 -6.62 -24.87 0.88
N ARG B 434 -6.82 -25.05 2.18
CA ARG B 434 -7.87 -25.94 2.69
C ARG B 434 -8.93 -25.13 3.46
N TYR B 435 -10.17 -25.25 3.01
CA TYR B 435 -11.27 -24.44 3.55
C TYR B 435 -12.47 -25.28 3.97
N ASP B 436 -13.23 -24.74 4.94
CA ASP B 436 -14.52 -25.30 5.33
C ASP B 436 -15.63 -24.37 4.87
N ILE B 437 -16.72 -24.96 4.37
CA ILE B 437 -17.85 -24.18 3.87
C ILE B 437 -19.05 -24.33 4.83
N PHE B 438 -19.57 -23.19 5.27
CA PHE B 438 -20.69 -23.15 6.21
C PHE B 438 -21.92 -22.52 5.58
N GLN B 439 -23.08 -22.78 6.20
CA GLN B 439 -24.30 -22.07 5.88
C GLN B 439 -25.06 -21.73 7.16
N TYR B 440 -25.46 -20.47 7.29
CA TYR B 440 -26.21 -19.99 8.44
C TYR B 440 -27.66 -20.45 8.35
N GLN B 441 -28.04 -21.38 9.22
CA GLN B 441 -29.37 -22.00 9.17
C GLN B 441 -30.17 -21.73 10.45
N ILE B 442 -31.47 -21.52 10.27
CA ILE B 442 -32.39 -21.31 11.40
C ILE B 442 -33.42 -22.43 11.45
N THR B 443 -33.48 -23.12 12.59
CA THR B 443 -34.47 -24.17 12.82
C THR B 443 -35.26 -23.84 14.08
N ASN B 444 -36.56 -23.58 13.90
CA ASN B 444 -37.47 -23.16 14.97
C ASN B 444 -37.06 -21.85 15.66
N LYS B 445 -36.05 -21.94 16.53
CA LYS B 445 -35.50 -20.77 17.22
C LYS B 445 -33.97 -20.86 17.31
N SER B 446 -33.43 -22.04 17.02
CA SER B 446 -31.99 -22.29 17.08
C SER B 446 -31.27 -21.80 15.83
N THR B 447 -30.08 -21.24 16.03
CA THR B 447 -29.24 -20.75 14.94
C THR B 447 -27.85 -21.37 15.00
N GLU B 448 -27.34 -21.82 13.86
CA GLU B 448 -26.02 -22.42 13.76
C GLU B 448 -25.39 -22.26 12.37
N TYR B 449 -24.06 -22.31 12.32
CA TYR B 449 -23.32 -22.39 11.07
C TYR B 449 -23.02 -23.87 10.77
N LYS B 450 -23.93 -24.52 10.05
CA LYS B 450 -23.78 -25.93 9.71
C LYS B 450 -22.77 -26.13 8.58
N VAL B 451 -21.91 -27.12 8.75
CA VAL B 451 -20.92 -27.47 7.73
C VAL B 451 -21.60 -28.14 6.54
N ILE B 452 -21.60 -27.44 5.41
CA ILE B 452 -22.26 -27.93 4.19
C ILE B 452 -21.27 -28.43 3.15
N GLY B 453 -19.97 -28.36 3.46
CA GLY B 453 -18.93 -28.84 2.56
C GLY B 453 -17.54 -28.32 2.88
N HIS B 454 -16.60 -28.65 2.00
CA HIS B 454 -15.19 -28.24 2.15
C HIS B 454 -14.50 -28.09 0.80
N TRP B 455 -13.46 -27.27 0.76
CA TRP B 455 -12.70 -27.02 -0.46
C TRP B 455 -11.21 -27.33 -0.28
N THR B 456 -10.76 -28.39 -0.94
CA THR B 456 -9.36 -28.78 -0.93
C THR B 456 -8.89 -28.99 -2.37
N ASN B 457 -8.49 -27.89 -3.02
CA ASN B 457 -8.13 -27.85 -4.45
C ASN B 457 -9.32 -28.07 -5.39
N GLN B 458 -10.27 -28.91 -4.95
CA GLN B 458 -11.50 -29.18 -5.68
C GLN B 458 -12.69 -29.04 -4.73
N LEU B 459 -13.84 -28.66 -5.28
CA LEU B 459 -15.05 -28.43 -4.48
C LEU B 459 -15.73 -29.74 -4.06
N HIS B 460 -16.06 -29.84 -2.78
CA HIS B 460 -16.84 -30.95 -2.25
C HIS B 460 -18.02 -30.39 -1.45
N LEU B 461 -19.14 -30.16 -2.15
CA LEU B 461 -20.31 -29.53 -1.55
C LEU B 461 -21.45 -30.52 -1.32
N LYS B 462 -21.93 -30.59 -0.08
CA LYS B 462 -23.06 -31.44 0.28
C LYS B 462 -24.37 -30.66 0.16
N VAL B 463 -25.07 -30.88 -0.96
CA VAL B 463 -26.30 -30.17 -1.28
C VAL B 463 -27.47 -30.56 -0.37
N GLU B 464 -27.46 -31.81 0.07
CA GLU B 464 -28.54 -32.36 0.90
C GLU B 464 -28.67 -31.73 2.30
N ASP B 465 -27.62 -31.07 2.75
CA ASP B 465 -27.59 -30.46 4.08
C ASP B 465 -27.85 -28.95 4.07
N MET B 466 -28.29 -28.43 2.93
CA MET B 466 -28.55 -27.00 2.78
CA MET B 466 -28.54 -26.99 2.77
C MET B 466 -30.02 -26.65 2.95
N GLN B 467 -30.27 -25.50 3.60
CA GLN B 467 -31.63 -25.01 3.83
C GLN B 467 -31.83 -23.62 3.22
N TRP B 468 -33.08 -23.31 2.87
CA TRP B 468 -33.43 -22.01 2.30
C TRP B 468 -34.71 -21.46 2.92
O1 E7P C . 8.95 10.95 -11.45
O2 E7P C . 7.95 9.44 -13.16
C1 E7P C . 6.35 11.26 -12.03
C E7P C . 4.48 9.05 -9.45
CA E7P C . 4.60 10.06 -10.63
C2 E7P C . 6.03 10.62 -10.70
O E7P C . 4.87 7.91 -9.59
OXT E7P C . 3.96 9.51 -8.35
N E7P C . 3.56 11.06 -10.40
P E7P C . 7.98 10.89 -12.66
O3 E7P C . 8.37 11.85 -13.74
C1 NAG D . 26.24 36.91 10.50
C2 NAG D . 26.49 38.36 10.95
C3 NAG D . 27.84 38.50 11.65
C4 NAG D . 28.03 37.42 12.72
C5 NAG D . 27.70 36.03 12.16
C6 NAG D . 27.79 34.94 13.22
C7 NAG D . 25.45 40.12 9.60
C8 NAG D . 25.56 40.98 8.38
N2 NAG D . 26.45 39.26 9.81
O3 NAG D . 27.93 39.77 12.25
O4 NAG D . 29.36 37.47 13.20
O5 NAG D . 26.40 36.03 11.59
O6 NAG D . 26.64 34.94 14.04
O7 NAG D . 24.46 40.25 10.34
O1 E7P E . -9.30 -10.95 11.31
O2 E7P E . -11.19 -12.62 11.20
C1 E7P E . -9.85 -12.02 8.92
C E7P E . -7.72 -9.94 6.42
CA E7P E . -8.71 -11.06 6.86
C2 E7P E . -8.71 -11.20 8.39
O E7P E . -6.63 -10.35 5.80
OXT E7P E . -7.98 -8.78 6.64
N E7P E . -8.30 -12.28 6.14
P E7P E . -10.50 -11.49 10.49
O3 E7P E . -11.45 -10.31 10.21
C1 NAG F . 17.46 -24.48 34.65
C2 NAG F . 18.19 -25.70 35.22
C3 NAG F . 18.93 -25.37 36.51
C4 NAG F . 19.71 -24.06 36.43
C5 NAG F . 18.86 -22.95 35.81
C6 NAG F . 19.63 -21.64 35.65
C7 NAG F . 17.46 -28.04 35.00
C8 NAG F . 16.38 -29.03 35.34
N2 NAG F . 17.26 -26.79 35.45
O3 NAG F . 19.80 -26.43 36.83
O4 NAG F . 20.14 -23.71 37.72
O5 NAG F . 18.35 -23.38 34.56
O6 NAG F . 20.50 -21.71 34.54
O7 NAG F . 18.44 -28.39 34.36
#